data_1FDU
#
_entry.id   1FDU
#
_cell.length_a   115.800
_cell.length_b   78.780
_cell.length_c   121.190
_cell.angle_alpha   90.00
_cell.angle_beta   92.91
_cell.angle_gamma   90.00
#
_symmetry.space_group_name_H-M   'P 1 21 1'
#
loop_
_entity.id
_entity.type
_entity.pdbx_description
1 polymer '17-BETA-HYDROXYSTEROID DEHYDROGENASE'
2 non-polymer 'SULFATE ION'
3 non-polymer ESTRADIOL
4 non-polymer 'NADP NICOTINAMIDE-ADENINE-DINUCLEOTIDE PHOSPHATE'
5 water water
#
_entity_poly.entity_id   1
_entity_poly.type   'polypeptide(L)'
_entity_poly.pdbx_seq_one_letter_code
;ARTVVLITGCSSGIGLHLAVRLASDPSQSFKVYATLRDLKTQGRLWEAARALACPPGSLETLQLDVRDSKSVAAARERVT
EGRVDVLVCNAGLGLLGPLEALGEDAVASVLDVNVVGTVRMLQAFLPDMKRRGSGRVLVTGSVGGLMGLPFNDVYCASKF
ALEGLCESLAVLLLPFGVHLSLIECGPVHTAFMEKVLGSPEEVLDRTDIHTFHRFYQYLALSKQVFREAAQNPEEVAEVF
LTALRAPKPTLRYFTTERFLPLLRMRLDDPSGSNYVTAMHREVFGDVPAKAEAGAEAGGGRGPGAEDEAGRSAVGDPELG
DPPAAPQ
;
_entity_poly.pdbx_strand_id   A,B,C,D
#
loop_
_chem_comp.id
_chem_comp.type
_chem_comp.name
_chem_comp.formula
EST non-polymer ESTRADIOL 'C18 H24 O2'
NAP non-polymer 'NADP NICOTINAMIDE-ADENINE-DINUCLEOTIDE PHOSPHATE' 'C21 H28 N7 O17 P3'
SO4 non-polymer 'SULFATE ION' 'O4 S -2'
#
# COMPACT_ATOMS: atom_id res chain seq x y z
N ALA A 1 23.79 -38.99 -25.57
CA ALA A 1 23.85 -40.23 -24.72
C ALA A 1 22.64 -41.13 -24.73
N ARG A 2 22.26 -41.88 -23.68
CA ARG A 2 21.11 -42.79 -23.77
C ARG A 2 19.77 -42.34 -23.26
N THR A 3 19.50 -42.18 -21.95
CA THR A 3 18.16 -41.71 -21.55
C THR A 3 17.87 -40.35 -22.16
N VAL A 4 16.84 -40.26 -23.00
CA VAL A 4 16.55 -38.98 -23.64
C VAL A 4 15.57 -38.13 -22.86
N VAL A 5 16.03 -37.03 -22.30
CA VAL A 5 15.14 -36.21 -21.45
C VAL A 5 14.60 -35.02 -22.18
N LEU A 6 13.34 -34.63 -22.01
CA LEU A 6 12.80 -33.44 -22.68
C LEU A 6 12.18 -32.53 -21.61
N ILE A 7 12.75 -31.33 -21.47
CA ILE A 7 12.36 -30.41 -20.43
C ILE A 7 11.96 -29.04 -21.01
N THR A 8 10.84 -28.51 -20.54
CA THR A 8 10.27 -27.26 -20.94
C THR A 8 10.53 -26.25 -19.81
N GLY A 9 10.81 -25.02 -20.19
CA GLY A 9 11.09 -23.92 -19.31
C GLY A 9 12.55 -23.90 -18.88
N CYS A 10 13.49 -24.04 -19.84
CA CYS A 10 14.87 -24.06 -19.44
C CYS A 10 15.68 -22.80 -19.66
N SER A 11 15.00 -21.65 -19.74
CA SER A 11 15.74 -20.40 -19.87
C SER A 11 16.23 -19.99 -18.48
N SER A 12 15.78 -20.64 -17.41
CA SER A 12 16.21 -20.30 -16.07
C SER A 12 15.63 -21.12 -14.96
N GLY A 13 15.76 -20.75 -13.71
CA GLY A 13 15.20 -21.43 -12.53
C GLY A 13 15.33 -22.92 -12.58
N ILE A 14 14.33 -23.67 -12.13
CA ILE A 14 14.40 -25.12 -12.19
C ILE A 14 14.67 -25.66 -13.59
N GLY A 15 14.12 -25.08 -14.66
CA GLY A 15 14.37 -25.69 -15.98
C GLY A 15 15.85 -25.77 -16.24
N LEU A 16 16.46 -24.60 -16.12
CA LEU A 16 17.87 -24.45 -16.40
C LEU A 16 18.66 -25.50 -15.63
N HIS A 17 18.54 -25.41 -14.31
CA HIS A 17 19.30 -26.33 -13.46
C HIS A 17 18.99 -27.77 -13.68
N LEU A 18 17.74 -28.19 -13.86
CA LEU A 18 17.56 -29.63 -14.14
C LEU A 18 18.26 -29.97 -15.45
N ALA A 19 18.10 -29.13 -16.47
CA ALA A 19 18.72 -29.38 -17.75
C ALA A 19 20.22 -29.61 -17.68
N VAL A 20 21.00 -28.80 -16.99
CA VAL A 20 22.47 -29.03 -16.97
C VAL A 20 22.84 -30.02 -15.89
N ARG A 21 21.97 -30.23 -14.88
CA ARG A 21 22.40 -31.24 -13.90
C ARG A 21 22.45 -32.58 -14.65
N LEU A 22 21.34 -33.03 -15.24
CA LEU A 22 21.25 -34.21 -16.02
C LEU A 22 22.33 -34.26 -17.10
N ALA A 23 22.46 -33.22 -17.96
CA ALA A 23 23.45 -33.25 -19.03
C ALA A 23 24.85 -33.45 -18.52
N SER A 24 25.26 -32.89 -17.40
CA SER A 24 26.60 -33.05 -16.86
C SER A 24 26.71 -34.27 -15.95
N ASP A 25 25.87 -35.27 -16.13
CA ASP A 25 25.90 -36.42 -15.25
C ASP A 25 27.10 -37.30 -15.58
N PRO A 26 27.78 -37.69 -14.51
CA PRO A 26 28.94 -38.59 -14.54
C PRO A 26 28.58 -39.83 -15.35
N SER A 27 27.47 -40.49 -14.96
CA SER A 27 26.99 -41.65 -15.71
C SER A 27 27.07 -41.31 -17.20
N GLN A 28 26.67 -40.08 -17.52
CA GLN A 28 26.72 -39.62 -18.91
C GLN A 28 25.67 -40.41 -19.68
N SER A 29 24.63 -40.83 -18.95
CA SER A 29 23.58 -41.64 -19.57
C SER A 29 22.50 -40.82 -20.25
N PHE A 30 22.41 -39.53 -19.98
CA PHE A 30 21.32 -38.74 -20.57
C PHE A 30 21.65 -37.85 -21.74
N LYS A 31 20.69 -37.71 -22.65
CA LYS A 31 20.79 -36.72 -23.74
C LYS A 31 19.67 -35.76 -23.27
N VAL A 32 19.89 -34.46 -23.31
CA VAL A 32 18.92 -33.50 -22.78
C VAL A 32 18.48 -32.51 -23.82
N TYR A 33 17.22 -32.46 -24.17
CA TYR A 33 16.76 -31.44 -25.11
C TYR A 33 16.11 -30.40 -24.16
N ALA A 34 16.80 -29.33 -23.86
CA ALA A 34 16.27 -28.29 -22.94
C ALA A 34 15.49 -27.38 -23.86
N THR A 35 14.20 -27.29 -23.65
CA THR A 35 13.47 -26.45 -24.65
C THR A 35 13.34 -25.11 -23.93
N LEU A 36 13.20 -24.07 -24.74
CA LEU A 36 13.07 -22.70 -24.30
C LEU A 36 11.92 -22.02 -25.03
N ARG A 37 11.08 -21.26 -24.31
CA ARG A 37 9.97 -20.55 -24.93
C ARG A 37 10.43 -19.68 -26.09
N ASP A 38 11.64 -19.12 -25.96
CA ASP A 38 12.27 -18.30 -26.97
C ASP A 38 13.77 -18.59 -26.89
N LEU A 39 14.26 -19.32 -27.87
CA LEU A 39 15.64 -19.74 -28.01
C LEU A 39 16.61 -18.60 -27.81
N LYS A 40 16.25 -17.40 -28.25
CA LYS A 40 17.13 -16.27 -28.04
C LYS A 40 17.50 -16.03 -26.58
N THR A 41 16.87 -16.60 -25.55
CA THR A 41 17.30 -16.30 -24.17
C THR A 41 18.05 -17.45 -23.55
N GLN A 42 18.69 -18.26 -24.41
CA GLN A 42 19.40 -19.45 -23.98
C GLN A 42 20.83 -19.22 -23.59
N GLY A 43 21.36 -18.01 -23.70
CA GLY A 43 22.76 -17.78 -23.31
C GLY A 43 23.03 -18.23 -21.89
N ARG A 44 22.18 -17.92 -20.91
CA ARG A 44 22.49 -18.36 -19.56
C ARG A 44 22.47 -19.86 -19.45
N LEU A 45 21.55 -20.55 -20.13
CA LEU A 45 21.59 -22.04 -20.08
C LEU A 45 22.99 -22.50 -20.48
N TRP A 46 23.48 -22.07 -21.62
CA TRP A 46 24.80 -22.48 -22.09
C TRP A 46 25.92 -22.15 -21.15
N GLU A 47 25.98 -20.90 -20.68
CA GLU A 47 27.04 -20.55 -19.72
C GLU A 47 27.08 -21.52 -18.53
N ALA A 48 25.92 -21.80 -17.93
CA ALA A 48 25.81 -22.75 -16.84
C ALA A 48 26.13 -24.16 -17.32
N ALA A 49 25.73 -24.49 -18.55
CA ALA A 49 26.02 -25.86 -19.05
C ALA A 49 27.54 -26.00 -19.02
N ARG A 50 28.19 -24.94 -19.48
CA ARG A 50 29.65 -24.84 -19.50
C ARG A 50 30.25 -24.91 -18.14
N ALA A 51 29.72 -24.14 -17.21
CA ALA A 51 30.15 -24.14 -15.83
C ALA A 51 30.15 -25.53 -15.21
N LEU A 52 29.31 -26.46 -15.67
CA LEU A 52 29.36 -27.80 -15.07
C LEU A 52 29.95 -28.73 -16.14
N ALA A 53 30.32 -28.08 -17.22
CA ALA A 53 30.97 -28.75 -18.31
C ALA A 53 30.26 -30.00 -18.81
N CYS A 54 29.14 -29.79 -19.49
CA CYS A 54 28.40 -30.89 -20.10
C CYS A 54 29.18 -31.25 -21.34
N PRO A 55 29.60 -32.46 -21.49
CA PRO A 55 30.35 -32.97 -22.62
C PRO A 55 29.57 -32.57 -23.87
N PRO A 56 30.25 -32.54 -24.99
CA PRO A 56 29.67 -32.16 -26.27
C PRO A 56 28.57 -33.14 -26.64
N GLY A 57 27.45 -32.68 -27.19
CA GLY A 57 26.34 -33.53 -27.60
C GLY A 57 25.42 -34.05 -26.53
N SER A 58 25.60 -33.62 -25.30
CA SER A 58 24.81 -34.02 -24.18
C SER A 58 23.64 -33.05 -23.98
N LEU A 59 23.72 -31.92 -24.66
CA LEU A 59 22.66 -30.93 -24.44
C LEU A 59 22.40 -30.24 -25.76
N GLU A 60 21.11 -30.16 -26.05
CA GLU A 60 20.63 -29.58 -27.31
C GLU A 60 19.43 -28.75 -26.89
N THR A 61 19.35 -27.50 -27.26
CA THR A 61 18.21 -26.73 -26.85
C THR A 61 17.27 -26.66 -28.07
N LEU A 62 16.02 -26.29 -27.82
CA LEU A 62 15.01 -26.13 -28.83
C LEU A 62 13.97 -25.14 -28.33
N GLN A 63 13.22 -24.66 -29.29
CA GLN A 63 12.15 -23.74 -29.00
C GLN A 63 10.85 -24.54 -28.85
N LEU A 64 10.17 -24.34 -27.74
CA LEU A 64 8.90 -24.95 -27.48
C LEU A 64 8.09 -23.98 -26.66
N ASP A 65 7.09 -23.38 -27.30
CA ASP A 65 6.28 -22.45 -26.43
C ASP A 65 5.04 -23.21 -26.13
N VAL A 66 4.93 -23.59 -24.85
CA VAL A 66 3.76 -24.45 -24.50
C VAL A 66 2.44 -23.83 -24.85
N ARG A 67 2.38 -22.57 -25.24
CA ARG A 67 1.13 -21.97 -25.62
C ARG A 67 0.78 -22.31 -27.07
N ASP A 68 1.70 -22.91 -27.82
CA ASP A 68 1.42 -23.12 -29.25
C ASP A 68 1.64 -24.53 -29.72
N SER A 69 0.56 -25.22 -30.09
CA SER A 69 0.73 -26.59 -30.54
C SER A 69 1.61 -26.84 -31.72
N LYS A 70 1.83 -25.83 -32.58
CA LYS A 70 2.74 -26.12 -33.71
C LYS A 70 4.15 -26.15 -33.16
N SER A 71 4.38 -25.33 -32.13
CA SER A 71 5.69 -25.34 -31.49
C SER A 71 5.94 -26.72 -30.89
N VAL A 72 4.89 -27.30 -30.26
CA VAL A 72 5.07 -28.59 -29.64
C VAL A 72 5.43 -29.64 -30.65
N ALA A 73 4.65 -29.74 -31.72
CA ALA A 73 4.93 -30.77 -32.75
C ALA A 73 6.36 -30.65 -33.22
N ALA A 74 6.75 -29.45 -33.66
CA ALA A 74 8.14 -29.22 -34.09
C ALA A 74 9.19 -29.72 -33.10
N ALA A 75 9.12 -29.31 -31.81
CA ALA A 75 10.09 -29.78 -30.84
C ALA A 75 10.11 -31.30 -30.97
N ARG A 76 8.93 -31.90 -30.78
CA ARG A 76 8.80 -33.36 -30.87
C ARG A 76 9.50 -33.94 -32.08
N GLU A 77 9.36 -33.32 -33.25
CA GLU A 77 10.00 -33.80 -34.45
C GLU A 77 11.49 -33.52 -34.51
N ARG A 78 12.07 -32.76 -33.59
CA ARG A 78 13.52 -32.54 -33.63
C ARG A 78 14.20 -33.46 -32.62
N VAL A 79 13.49 -34.40 -32.06
CA VAL A 79 14.09 -35.34 -31.09
C VAL A 79 14.66 -36.46 -31.91
N THR A 80 15.84 -36.25 -32.49
CA THR A 80 16.52 -37.17 -33.37
C THR A 80 16.39 -38.64 -33.03
N GLU A 81 16.61 -39.02 -31.77
CA GLU A 81 16.49 -40.37 -31.29
C GLU A 81 15.08 -40.92 -31.49
N GLY A 82 14.07 -40.12 -31.78
CA GLY A 82 12.72 -40.55 -32.01
C GLY A 82 12.11 -41.19 -30.80
N ARG A 83 12.44 -40.65 -29.62
CA ARG A 83 11.78 -41.23 -28.45
C ARG A 83 12.05 -40.42 -27.23
N VAL A 84 11.17 -40.38 -26.27
CA VAL A 84 11.53 -39.55 -25.12
C VAL A 84 11.48 -40.46 -23.92
N ASP A 85 12.56 -40.55 -23.18
CA ASP A 85 12.52 -41.43 -22.03
C ASP A 85 11.94 -40.64 -20.88
N VAL A 86 12.34 -39.38 -20.71
CA VAL A 86 11.75 -38.64 -19.56
C VAL A 86 11.15 -37.32 -20.03
N LEU A 87 9.90 -37.06 -19.64
CA LEU A 87 9.28 -35.78 -20.05
C LEU A 87 9.06 -34.94 -18.80
N VAL A 88 9.80 -33.82 -18.80
CA VAL A 88 9.72 -32.92 -17.64
C VAL A 88 8.87 -31.72 -18.05
N CYS A 89 7.69 -31.56 -17.56
CA CYS A 89 6.82 -30.43 -17.92
C CYS A 89 7.06 -29.36 -16.82
N ASN A 90 7.84 -28.34 -17.24
CA ASN A 90 8.25 -27.40 -16.20
C ASN A 90 7.81 -25.99 -16.38
N ALA A 91 7.77 -25.51 -17.64
CA ALA A 91 7.33 -24.13 -17.86
C ALA A 91 6.09 -23.91 -16.97
N GLY A 92 5.96 -22.78 -16.33
CA GLY A 92 4.90 -22.37 -15.44
C GLY A 92 5.04 -20.86 -15.13
N LEU A 93 3.92 -20.30 -14.63
CA LEU A 93 3.86 -18.88 -14.38
C LEU A 93 3.09 -18.58 -13.09
N GLY A 94 3.40 -17.44 -12.52
CA GLY A 94 2.73 -17.01 -11.31
C GLY A 94 1.86 -15.83 -11.68
N LEU A 95 1.03 -15.37 -10.76
CA LEU A 95 0.14 -14.21 -10.97
C LEU A 95 -0.22 -13.87 -9.51
N LEU A 96 -0.03 -12.62 -9.13
CA LEU A 96 -0.29 -12.32 -7.68
C LEU A 96 -1.10 -11.06 -7.50
N GLY A 97 -2.14 -10.92 -6.71
CA GLY A 97 -2.89 -9.65 -6.59
C GLY A 97 -4.35 -9.85 -6.27
N PRO A 98 -5.09 -8.85 -5.85
CA PRO A 98 -6.51 -9.03 -5.52
C PRO A 98 -7.15 -9.62 -6.77
N LEU A 99 -8.03 -10.61 -6.60
CA LEU A 99 -8.66 -11.24 -7.75
C LEU A 99 -9.24 -10.20 -8.70
N GLU A 100 -10.06 -9.32 -8.14
CA GLU A 100 -10.72 -8.27 -8.86
C GLU A 100 -9.79 -7.32 -9.59
N ALA A 101 -8.53 -7.27 -9.23
CA ALA A 101 -7.54 -6.45 -9.86
C ALA A 101 -6.81 -7.11 -11.01
N LEU A 102 -6.91 -8.40 -11.18
CA LEU A 102 -6.23 -9.21 -12.20
C LEU A 102 -6.77 -9.05 -13.60
N GLY A 103 -5.92 -8.95 -14.63
CA GLY A 103 -6.42 -8.76 -15.96
C GLY A 103 -6.88 -9.99 -16.69
N GLU A 104 -7.98 -9.96 -17.43
CA GLU A 104 -8.43 -11.12 -18.18
C GLU A 104 -7.35 -11.78 -18.98
N ASP A 105 -6.41 -11.11 -19.65
CA ASP A 105 -5.41 -11.86 -20.40
C ASP A 105 -4.38 -12.46 -19.44
N ALA A 106 -4.29 -11.92 -18.25
CA ALA A 106 -3.35 -12.46 -17.27
C ALA A 106 -3.90 -13.80 -16.79
N VAL A 107 -5.18 -13.74 -16.36
CA VAL A 107 -5.81 -14.97 -15.93
C VAL A 107 -5.79 -16.01 -17.03
N ALA A 108 -6.04 -15.59 -18.25
CA ALA A 108 -5.98 -16.61 -19.29
C ALA A 108 -4.60 -17.14 -19.54
N SER A 109 -3.52 -16.38 -19.62
CA SER A 109 -2.18 -16.94 -19.89
C SER A 109 -1.72 -17.91 -18.83
N VAL A 110 -1.92 -17.56 -17.58
CA VAL A 110 -1.60 -18.44 -16.46
C VAL A 110 -2.23 -19.80 -16.68
N LEU A 111 -3.53 -19.93 -17.01
CA LEU A 111 -4.16 -21.22 -17.27
C LEU A 111 -3.69 -21.93 -18.50
N ASP A 112 -3.37 -21.26 -19.59
CA ASP A 112 -2.87 -21.81 -20.82
C ASP A 112 -1.40 -22.24 -20.76
N VAL A 113 -0.50 -21.50 -20.13
CA VAL A 113 0.89 -21.90 -19.98
C VAL A 113 0.89 -23.12 -19.01
N ASN A 114 0.51 -22.88 -17.74
CA ASN A 114 0.45 -23.86 -16.69
C ASN A 114 -0.47 -25.04 -16.99
N VAL A 115 -1.80 -24.86 -17.08
CA VAL A 115 -2.68 -25.98 -17.40
C VAL A 115 -2.72 -26.38 -18.85
N VAL A 116 -3.32 -25.67 -19.80
CA VAL A 116 -3.31 -26.19 -21.19
C VAL A 116 -1.94 -26.57 -21.67
N GLY A 117 -0.88 -25.86 -21.34
CA GLY A 117 0.48 -26.15 -21.76
C GLY A 117 0.99 -27.52 -21.43
N THR A 118 0.56 -28.10 -20.31
CA THR A 118 0.94 -29.47 -19.92
C THR A 118 -0.03 -30.42 -20.64
N VAL A 119 -1.30 -29.94 -20.83
CA VAL A 119 -2.22 -30.76 -21.62
C VAL A 119 -1.64 -30.85 -23.02
N ARG A 120 -1.04 -29.85 -23.63
CA ARG A 120 -0.48 -29.95 -24.99
C ARG A 120 0.76 -30.82 -25.14
N MET A 121 1.59 -30.85 -24.12
CA MET A 121 2.83 -31.58 -24.01
C MET A 121 2.52 -33.07 -23.91
N LEU A 122 1.75 -33.42 -22.91
CA LEU A 122 1.33 -34.83 -22.76
C LEU A 122 0.64 -35.29 -24.02
N GLN A 123 -0.45 -34.67 -24.51
CA GLN A 123 -1.11 -35.11 -25.74
C GLN A 123 -0.11 -35.50 -26.84
N ALA A 124 0.95 -34.73 -27.00
CA ALA A 124 1.97 -34.97 -27.98
C ALA A 124 2.97 -36.03 -27.55
N PHE A 125 3.47 -36.05 -26.33
CA PHE A 125 4.51 -37.03 -25.96
C PHE A 125 4.02 -38.33 -25.42
N LEU A 126 2.98 -38.47 -24.64
CA LEU A 126 2.39 -39.64 -24.06
C LEU A 126 2.11 -40.83 -24.96
N PRO A 127 1.46 -40.64 -26.08
CA PRO A 127 1.03 -41.66 -27.00
C PRO A 127 2.15 -42.61 -27.34
N ASP A 128 3.23 -42.05 -27.88
CA ASP A 128 4.37 -42.92 -28.21
C ASP A 128 4.85 -43.61 -26.95
N MET A 129 4.96 -42.94 -25.80
CA MET A 129 5.37 -43.59 -24.58
C MET A 129 4.49 -44.80 -24.31
N LYS A 130 3.20 -44.56 -24.44
CA LYS A 130 2.25 -45.66 -24.19
C LYS A 130 2.58 -46.79 -25.17
N ARG A 131 2.78 -46.47 -26.46
CA ARG A 131 3.13 -47.49 -27.44
C ARG A 131 4.35 -48.25 -26.90
N ARG A 132 5.39 -47.51 -26.51
CA ARG A 132 6.59 -48.15 -25.99
C ARG A 132 6.36 -48.92 -24.72
N GLY A 133 5.36 -48.52 -23.94
CA GLY A 133 5.22 -49.29 -22.68
C GLY A 133 6.22 -48.76 -21.67
N SER A 134 6.94 -47.68 -22.04
CA SER A 134 7.90 -47.07 -21.14
C SER A 134 8.10 -45.57 -21.31
N GLY A 135 8.21 -44.99 -20.11
CA GLY A 135 8.41 -43.58 -20.04
C GLY A 135 8.12 -43.08 -18.63
N ARG A 136 8.73 -41.91 -18.40
CA ARG A 136 8.56 -41.27 -17.13
C ARG A 136 8.32 -39.80 -17.45
N VAL A 137 7.21 -39.38 -16.91
CA VAL A 137 6.74 -37.99 -17.06
C VAL A 137 6.79 -37.36 -15.67
N LEU A 138 7.54 -36.31 -15.49
CA LEU A 138 7.72 -35.60 -14.24
C LEU A 138 7.21 -34.17 -14.56
N VAL A 139 6.43 -33.71 -13.60
CA VAL A 139 5.78 -32.42 -13.73
C VAL A 139 6.14 -31.57 -12.52
N THR A 140 6.70 -30.38 -12.73
CA THR A 140 7.01 -29.59 -11.54
C THR A 140 5.84 -29.27 -10.67
N GLY A 141 5.81 -29.90 -9.48
CA GLY A 141 4.70 -29.66 -8.57
C GLY A 141 4.70 -28.24 -8.06
N SER A 142 3.85 -27.97 -7.07
CA SER A 142 3.84 -26.63 -6.51
C SER A 142 2.88 -26.77 -5.34
N VAL A 143 3.18 -26.16 -4.24
CA VAL A 143 2.42 -26.25 -2.99
C VAL A 143 1.21 -25.38 -3.06
N GLY A 144 1.23 -24.39 -3.96
CA GLY A 144 0.03 -23.56 -4.18
C GLY A 144 -1.01 -24.41 -4.96
N GLY A 145 -0.65 -25.60 -5.36
CA GLY A 145 -1.35 -26.64 -6.00
C GLY A 145 -1.87 -27.64 -5.00
N LEU A 146 -1.43 -27.59 -3.76
CA LEU A 146 -1.95 -28.50 -2.76
C LEU A 146 -2.83 -27.82 -1.71
N MET A 147 -2.68 -26.52 -1.56
CA MET A 147 -3.50 -25.78 -0.60
C MET A 147 -3.60 -24.32 -1.08
N GLY A 148 -4.68 -23.60 -0.77
CA GLY A 148 -4.88 -22.28 -1.25
C GLY A 148 -4.17 -21.12 -0.62
N LEU A 149 -3.55 -20.22 -1.40
CA LEU A 149 -2.81 -19.08 -0.86
C LEU A 149 -3.42 -17.75 -1.27
N PRO A 150 -3.74 -16.90 -0.31
CA PRO A 150 -4.40 -15.64 -0.50
C PRO A 150 -3.72 -14.88 -1.60
N PHE A 151 -4.47 -13.96 -2.20
CA PHE A 151 -3.94 -13.17 -3.30
C PHE A 151 -3.20 -13.98 -4.35
N ASN A 152 -3.46 -15.26 -4.55
CA ASN A 152 -2.76 -16.04 -5.56
C ASN A 152 -3.78 -16.98 -6.21
N ASP A 153 -5.03 -16.65 -5.95
CA ASP A 153 -6.22 -17.31 -6.42
C ASP A 153 -6.14 -17.93 -7.81
N VAL A 154 -5.72 -17.25 -8.88
CA VAL A 154 -5.67 -17.92 -10.19
C VAL A 154 -4.44 -18.78 -10.30
N TYR A 155 -3.29 -18.34 -9.70
CA TYR A 155 -2.10 -19.20 -9.73
C TYR A 155 -2.54 -20.52 -9.09
N CYS A 156 -3.14 -20.44 -7.90
CA CYS A 156 -3.59 -21.69 -7.27
C CYS A 156 -4.57 -22.43 -8.13
N ALA A 157 -5.53 -21.79 -8.78
CA ALA A 157 -6.43 -22.61 -9.59
C ALA A 157 -5.62 -23.35 -10.61
N SER A 158 -4.69 -22.66 -11.30
CA SER A 158 -4.00 -23.42 -12.39
C SER A 158 -3.21 -24.54 -11.81
N LYS A 159 -2.59 -24.32 -10.66
CA LYS A 159 -1.82 -25.35 -9.95
C LYS A 159 -2.70 -26.46 -9.38
N PHE A 160 -3.93 -26.22 -8.86
CA PHE A 160 -4.68 -27.41 -8.49
C PHE A 160 -5.10 -28.09 -9.81
N ALA A 161 -5.21 -27.46 -10.97
CA ALA A 161 -5.53 -28.16 -12.19
C ALA A 161 -4.46 -29.15 -12.61
N LEU A 162 -3.18 -28.92 -12.36
CA LEU A 162 -2.16 -29.92 -12.74
C LEU A 162 -2.30 -31.17 -11.87
N GLU A 163 -2.72 -31.00 -10.62
CA GLU A 163 -2.94 -32.18 -9.76
C GLU A 163 -4.07 -33.09 -10.25
N GLY A 164 -5.23 -32.51 -10.60
CA GLY A 164 -6.37 -33.22 -11.14
C GLY A 164 -6.01 -33.86 -12.49
N LEU A 165 -5.26 -33.22 -13.35
CA LEU A 165 -4.86 -33.74 -14.67
C LEU A 165 -3.92 -34.89 -14.50
N CYS A 166 -2.88 -34.75 -13.69
CA CYS A 166 -1.92 -35.79 -13.47
C CYS A 166 -2.47 -36.92 -12.65
N GLU A 167 -3.37 -36.65 -11.73
CA GLU A 167 -3.91 -37.77 -10.92
C GLU A 167 -4.91 -38.53 -11.77
N SER A 168 -5.69 -37.75 -12.54
CA SER A 168 -6.64 -38.40 -13.42
C SER A 168 -5.86 -39.23 -14.42
N LEU A 169 -4.84 -38.73 -15.04
CA LEU A 169 -4.09 -39.54 -16.04
C LEU A 169 -3.37 -40.70 -15.37
N ALA A 170 -2.94 -40.60 -14.11
CA ALA A 170 -2.22 -41.62 -13.37
C ALA A 170 -3.05 -42.85 -13.08
N VAL A 171 -4.35 -42.67 -12.83
CA VAL A 171 -5.24 -43.82 -12.60
C VAL A 171 -5.25 -44.66 -13.88
N LEU A 172 -5.29 -43.97 -15.02
CA LEU A 172 -5.33 -44.68 -16.29
C LEU A 172 -4.00 -45.30 -16.60
N LEU A 173 -2.91 -44.53 -16.64
CA LEU A 173 -1.61 -45.01 -17.04
C LEU A 173 -1.07 -46.10 -16.14
N LEU A 174 -1.48 -46.16 -14.90
CA LEU A 174 -0.97 -47.21 -13.99
C LEU A 174 -0.44 -48.45 -14.66
N PRO A 175 -1.28 -49.30 -15.21
CA PRO A 175 -0.88 -50.47 -15.94
C PRO A 175 -0.27 -50.18 -17.29
N PHE A 176 0.25 -49.07 -17.73
CA PHE A 176 0.78 -49.02 -19.11
C PHE A 176 2.30 -49.08 -19.07
N GLY A 177 2.89 -48.95 -17.89
CA GLY A 177 4.35 -48.94 -17.76
C GLY A 177 4.89 -47.52 -17.98
N VAL A 178 3.99 -46.55 -17.83
CA VAL A 178 4.27 -45.12 -18.03
C VAL A 178 3.95 -44.47 -16.67
N HIS A 179 5.00 -43.81 -16.17
CA HIS A 179 5.15 -43.21 -14.87
C HIS A 179 5.13 -41.70 -14.84
N LEU A 180 4.12 -41.19 -14.14
CA LEU A 180 3.87 -39.76 -14.04
C LEU A 180 3.96 -39.46 -12.55
N SER A 181 4.77 -38.48 -12.19
CA SER A 181 5.01 -38.06 -10.83
C SER A 181 5.11 -36.50 -10.78
N LEU A 182 4.64 -35.92 -9.71
CA LEU A 182 4.65 -34.48 -9.51
C LEU A 182 5.78 -34.18 -8.55
N ILE A 183 6.68 -33.28 -8.85
CA ILE A 183 7.78 -32.99 -7.85
C ILE A 183 7.25 -31.81 -7.05
N GLU A 184 6.60 -32.02 -5.92
CA GLU A 184 5.95 -30.89 -5.25
C GLU A 184 6.93 -29.96 -4.61
N CYS A 185 7.06 -28.69 -5.02
CA CYS A 185 7.98 -27.69 -4.51
C CYS A 185 7.45 -26.55 -3.62
N GLY A 186 8.07 -26.26 -2.48
CA GLY A 186 7.63 -25.05 -1.69
C GLY A 186 8.41 -23.91 -2.30
N PRO A 187 8.52 -22.76 -1.72
CA PRO A 187 9.31 -21.66 -2.32
C PRO A 187 10.69 -22.03 -2.79
N VAL A 188 11.16 -21.49 -3.91
CA VAL A 188 12.47 -21.71 -4.52
C VAL A 188 13.00 -20.37 -5.12
N HIS A 189 14.30 -20.19 -5.00
CA HIS A 189 14.99 -19.06 -5.54
C HIS A 189 15.26 -19.19 -7.02
N THR A 190 14.30 -18.74 -7.81
CA THR A 190 14.41 -18.78 -9.29
C THR A 190 14.01 -17.41 -9.84
N ALA A 191 13.59 -17.26 -11.10
CA ALA A 191 13.17 -15.92 -11.53
C ALA A 191 11.68 -15.71 -11.25
N PHE A 192 10.98 -16.81 -11.02
CA PHE A 192 9.57 -16.93 -10.79
C PHE A 192 8.92 -15.72 -10.19
N MET A 193 9.38 -15.34 -9.02
CA MET A 193 8.81 -14.22 -8.27
C MET A 193 9.18 -12.86 -8.74
N GLU A 194 10.38 -12.61 -9.26
CA GLU A 194 10.67 -11.28 -9.79
C GLU A 194 9.56 -10.88 -10.78
N LYS A 195 8.99 -11.83 -11.50
CA LYS A 195 7.94 -11.56 -12.44
C LYS A 195 6.52 -11.65 -11.91
N VAL A 196 6.29 -12.12 -10.70
CA VAL A 196 4.94 -12.33 -10.17
C VAL A 196 4.13 -11.08 -9.98
N LEU A 197 4.78 -9.96 -9.62
CA LEU A 197 4.07 -8.69 -9.48
C LEU A 197 4.91 -7.53 -8.99
N GLY A 198 4.31 -6.37 -9.25
CA GLY A 198 4.77 -5.05 -8.94
C GLY A 198 3.76 -3.98 -9.40
N VAL A 203 -2.48 -1.46 -8.33
CA VAL A 203 -3.20 -2.29 -7.35
C VAL A 203 -4.17 -1.42 -6.55
N LEU A 204 -3.65 -0.29 -6.13
CA LEU A 204 -4.35 0.74 -5.37
C LEU A 204 -5.68 1.11 -6.06
N ASP A 205 -5.54 1.37 -7.37
CA ASP A 205 -6.63 1.74 -8.20
C ASP A 205 -7.66 0.60 -8.33
N ARG A 206 -7.08 -0.60 -8.58
CA ARG A 206 -7.95 -1.74 -8.83
C ARG A 206 -8.49 -2.46 -7.63
N THR A 207 -8.43 -1.86 -6.44
CA THR A 207 -8.98 -2.58 -5.29
C THR A 207 -9.16 -1.62 -4.13
N ASP A 208 -9.96 -2.07 -3.18
CA ASP A 208 -10.22 -1.24 -2.02
C ASP A 208 -8.96 -1.14 -1.16
N ILE A 209 -9.06 -0.18 -0.26
CA ILE A 209 -8.00 0.17 0.70
C ILE A 209 -7.87 -0.94 1.71
N HIS A 210 -9.01 -1.44 2.14
CA HIS A 210 -8.98 -2.58 3.06
C HIS A 210 -8.24 -3.77 2.48
N THR A 211 -8.47 -4.10 1.21
CA THR A 211 -7.84 -5.24 0.55
C THR A 211 -6.38 -4.92 0.28
N PHE A 212 -6.16 -3.70 -0.18
CA PHE A 212 -4.86 -3.13 -0.44
C PHE A 212 -3.96 -3.35 0.77
N HIS A 213 -4.43 -3.00 1.94
CA HIS A 213 -3.69 -3.25 3.17
C HIS A 213 -3.28 -4.70 3.30
N ARG A 214 -4.21 -5.65 3.21
CA ARG A 214 -3.92 -7.07 3.37
C ARG A 214 -2.89 -7.54 2.38
N PHE A 215 -3.02 -7.02 1.16
CA PHE A 215 -2.07 -7.32 0.11
C PHE A 215 -0.66 -7.11 0.63
N TYR A 216 -0.37 -5.89 1.09
CA TYR A 216 0.97 -5.61 1.63
C TYR A 216 1.30 -6.46 2.80
N GLN A 217 0.28 -6.74 3.60
CA GLN A 217 0.51 -7.63 4.76
C GLN A 217 1.02 -8.97 4.24
N TYR A 218 0.43 -9.44 3.13
CA TYR A 218 0.83 -10.71 2.51
C TYR A 218 2.22 -10.63 1.90
N LEU A 219 2.52 -9.60 1.11
CA LEU A 219 3.87 -9.45 0.55
C LEU A 219 4.90 -9.44 1.68
N ALA A 220 4.60 -8.79 2.82
CA ALA A 220 5.53 -8.80 3.96
C ALA A 220 5.85 -10.27 4.28
N LEU A 221 4.81 -11.03 4.62
CA LEU A 221 4.95 -12.44 4.93
C LEU A 221 5.61 -13.27 3.85
N SER A 222 5.14 -13.24 2.59
CA SER A 222 5.79 -14.06 1.58
C SER A 222 7.27 -13.78 1.42
N LYS A 223 7.66 -12.50 1.41
CA LYS A 223 9.07 -12.13 1.22
C LYS A 223 9.92 -12.72 2.32
N GLN A 224 9.36 -12.70 3.52
CA GLN A 224 10.04 -13.25 4.67
C GLN A 224 10.21 -14.74 4.45
N VAL A 225 9.16 -15.42 4.06
CA VAL A 225 9.18 -16.85 3.82
C VAL A 225 10.13 -17.25 2.71
N PHE A 226 10.12 -16.44 1.64
CA PHE A 226 11.04 -16.82 0.54
C PHE A 226 12.46 -16.72 1.11
N ARG A 227 12.72 -15.52 1.65
CA ARG A 227 13.99 -15.23 2.28
C ARG A 227 14.40 -16.33 3.25
N GLU A 228 13.62 -16.58 4.29
CA GLU A 228 14.03 -17.61 5.22
C GLU A 228 13.69 -19.04 4.82
N ALA A 229 12.99 -19.35 3.72
CA ALA A 229 12.68 -20.76 3.49
C ALA A 229 12.82 -21.28 2.09
N ALA A 230 13.15 -20.46 1.10
CA ALA A 230 13.23 -20.98 -0.26
C ALA A 230 14.35 -22.01 -0.37
N GLN A 231 14.29 -22.87 -1.38
CA GLN A 231 15.34 -23.84 -1.60
C GLN A 231 16.05 -23.48 -2.89
N ASN A 232 17.11 -24.21 -3.16
CA ASN A 232 17.81 -23.89 -4.39
C ASN A 232 17.23 -24.66 -5.57
N PRO A 233 17.36 -24.03 -6.72
CA PRO A 233 16.98 -24.62 -7.98
C PRO A 233 17.73 -25.95 -8.13
N GLU A 234 18.90 -26.09 -7.54
CA GLU A 234 19.64 -27.31 -7.59
C GLU A 234 19.20 -28.24 -6.47
N GLU A 235 18.67 -27.71 -5.37
CA GLU A 235 18.23 -28.65 -4.30
C GLU A 235 17.06 -29.43 -4.89
N VAL A 236 16.18 -28.65 -5.50
CA VAL A 236 15.02 -29.13 -6.23
C VAL A 236 15.51 -30.10 -7.30
N ALA A 237 16.36 -29.69 -8.25
CA ALA A 237 16.82 -30.67 -9.21
C ALA A 237 17.24 -31.98 -8.61
N GLU A 238 17.67 -32.16 -7.37
CA GLU A 238 17.99 -33.54 -6.97
C GLU A 238 16.75 -34.40 -6.81
N VAL A 239 15.59 -33.76 -6.64
CA VAL A 239 14.35 -34.52 -6.48
C VAL A 239 13.88 -35.12 -7.77
N PHE A 240 13.92 -34.36 -8.88
CA PHE A 240 13.56 -34.95 -10.16
C PHE A 240 14.45 -36.15 -10.38
N LEU A 241 15.75 -36.08 -10.00
CA LEU A 241 16.58 -37.28 -10.18
C LEU A 241 16.14 -38.41 -9.29
N THR A 242 15.97 -38.12 -7.99
CA THR A 242 15.46 -39.20 -7.13
C THR A 242 14.23 -39.79 -7.85
N ALA A 243 13.22 -38.96 -8.13
CA ALA A 243 12.02 -39.42 -8.80
C ALA A 243 12.30 -40.20 -10.06
N LEU A 244 13.21 -39.76 -10.92
CA LEU A 244 13.40 -40.53 -12.16
C LEU A 244 14.11 -41.84 -11.94
N ARG A 245 14.74 -41.98 -10.79
CA ARG A 245 15.50 -43.16 -10.42
C ARG A 245 14.62 -44.27 -9.91
N ALA A 246 13.81 -44.02 -8.90
CA ALA A 246 12.92 -45.08 -8.38
C ALA A 246 12.38 -45.94 -9.51
N PRO A 247 12.38 -47.25 -9.34
CA PRO A 247 11.89 -48.21 -10.33
C PRO A 247 10.36 -48.16 -10.39
N LYS A 248 9.80 -47.85 -9.21
CA LYS A 248 8.38 -47.69 -9.07
C LYS A 248 8.12 -46.40 -8.27
N PRO A 249 8.09 -45.32 -9.03
CA PRO A 249 7.92 -43.99 -8.51
C PRO A 249 6.48 -43.68 -8.18
N THR A 250 6.26 -42.90 -7.11
CA THR A 250 4.97 -42.46 -6.68
C THR A 250 4.48 -41.27 -7.51
N LEU A 251 3.24 -40.87 -7.25
CA LEU A 251 2.64 -39.72 -7.92
C LEU A 251 3.25 -38.46 -7.40
N ARG A 252 3.66 -38.40 -6.12
CA ARG A 252 4.24 -37.22 -5.54
C ARG A 252 5.57 -37.41 -4.85
N TYR A 253 6.40 -36.37 -5.03
CA TYR A 253 7.74 -36.28 -4.46
C TYR A 253 7.81 -34.91 -3.82
N PHE A 254 8.06 -34.79 -2.53
CA PHE A 254 8.02 -33.43 -1.97
C PHE A 254 9.42 -32.92 -1.86
N THR A 255 9.75 -31.68 -2.24
CA THR A 255 11.18 -31.36 -2.10
C THR A 255 11.45 -30.91 -0.67
N THR A 256 10.43 -30.85 0.15
CA THR A 256 10.56 -30.42 1.51
C THR A 256 9.39 -30.87 2.36
N GLU A 257 9.62 -31.06 3.64
CA GLU A 257 8.56 -31.49 4.58
C GLU A 257 7.84 -30.27 5.16
N ARG A 258 8.49 -29.13 5.01
CA ARG A 258 8.03 -27.91 5.53
C ARG A 258 6.54 -27.70 5.62
N PHE A 259 5.78 -27.91 4.54
CA PHE A 259 4.34 -27.62 4.62
C PHE A 259 3.54 -28.89 4.77
N LEU A 260 4.22 -29.92 5.31
CA LEU A 260 3.56 -31.20 5.52
C LEU A 260 2.72 -31.27 6.75
N PRO A 261 3.03 -30.52 7.77
CA PRO A 261 2.19 -30.43 8.97
C PRO A 261 0.94 -29.64 8.55
N LEU A 262 1.20 -28.63 7.68
CA LEU A 262 0.07 -27.81 7.25
C LEU A 262 -0.71 -28.56 6.17
N LEU A 263 -0.03 -29.49 5.50
CA LEU A 263 -0.77 -30.26 4.51
C LEU A 263 -1.71 -31.16 5.29
N ARG A 264 -1.23 -31.95 6.24
CA ARG A 264 -2.07 -32.88 7.00
C ARG A 264 -3.24 -32.15 7.63
N MET A 265 -2.91 -31.04 8.26
CA MET A 265 -3.93 -30.20 8.89
C MET A 265 -5.17 -30.09 8.02
N ARG A 266 -4.98 -29.77 6.76
CA ARG A 266 -5.97 -29.63 5.73
C ARG A 266 -6.62 -30.98 5.40
N LEU A 267 -5.72 -31.96 5.30
CA LEU A 267 -6.04 -33.33 4.98
C LEU A 267 -7.05 -33.92 5.95
N ASP A 268 -6.92 -33.64 7.23
CA ASP A 268 -7.81 -34.15 8.25
C ASP A 268 -8.98 -33.24 8.54
N ASP A 269 -9.36 -32.41 7.59
CA ASP A 269 -10.47 -31.45 7.74
C ASP A 269 -11.20 -31.27 6.41
N PRO A 270 -12.13 -32.14 6.15
CA PRO A 270 -12.94 -32.16 4.94
C PRO A 270 -13.73 -30.88 4.75
N SER A 271 -14.44 -30.43 5.77
CA SER A 271 -15.21 -29.20 5.71
C SER A 271 -14.45 -27.96 5.31
N GLY A 272 -13.15 -28.00 5.36
CA GLY A 272 -12.19 -27.04 5.02
C GLY A 272 -12.05 -25.82 5.85
N SER A 273 -12.71 -25.64 6.98
CA SER A 273 -12.51 -24.37 7.69
C SER A 273 -11.41 -24.35 8.70
N ASN A 274 -10.95 -25.51 9.17
CA ASN A 274 -9.79 -25.48 10.07
C ASN A 274 -8.65 -24.92 9.26
N TYR A 275 -8.25 -25.55 8.17
CA TYR A 275 -7.17 -24.98 7.37
C TYR A 275 -7.42 -23.52 7.05
N VAL A 276 -8.61 -23.10 6.67
CA VAL A 276 -8.81 -21.69 6.30
C VAL A 276 -8.45 -20.77 7.43
N THR A 277 -8.85 -21.12 8.66
CA THR A 277 -8.53 -20.27 9.82
C THR A 277 -7.03 -20.25 10.05
N ALA A 278 -6.42 -21.42 10.18
CA ALA A 278 -4.96 -21.48 10.35
C ALA A 278 -4.23 -20.63 9.31
N MET A 279 -4.49 -20.88 8.02
CA MET A 279 -3.86 -20.11 6.96
C MET A 279 -4.17 -18.64 7.19
N HIS A 280 -5.43 -18.35 7.49
CA HIS A 280 -5.77 -16.97 7.73
C HIS A 280 -4.88 -16.39 8.83
N ARG A 281 -4.85 -16.99 10.01
CA ARG A 281 -4.02 -16.49 11.10
C ARG A 281 -2.57 -16.49 10.68
N GLU A 282 -2.07 -17.61 10.14
CA GLU A 282 -0.70 -17.74 9.71
C GLU A 282 -0.20 -16.75 8.71
N VAL A 283 -0.98 -15.89 8.10
CA VAL A 283 -0.54 -14.95 7.09
C VAL A 283 -0.92 -13.50 7.44
N PHE A 284 -2.05 -13.33 8.09
CA PHE A 284 -2.50 -12.01 8.46
C PHE A 284 -2.66 -12.01 9.99
N GLY A 285 -1.75 -12.77 10.61
CA GLY A 285 -1.70 -12.91 12.06
C GLY A 285 -3.06 -12.93 12.73
N ALA B 1 -38.35 -9.55 -2.31
CA ALA B 1 -37.26 -8.58 -1.93
C ALA B 1 -36.46 -9.11 -0.75
N ARG B 2 -35.41 -8.38 -0.35
CA ARG B 2 -34.59 -8.84 0.78
C ARG B 2 -33.85 -10.07 0.31
N THR B 3 -32.62 -10.32 0.69
CA THR B 3 -31.84 -11.45 0.24
C THR B 3 -31.85 -11.55 -1.29
N VAL B 4 -31.17 -10.64 -1.97
CA VAL B 4 -31.14 -10.75 -3.45
C VAL B 4 -30.26 -11.95 -3.80
N VAL B 5 -30.69 -12.96 -4.55
CA VAL B 5 -29.77 -14.09 -4.85
C VAL B 5 -29.47 -14.03 -6.34
N LEU B 6 -28.30 -14.37 -6.88
CA LEU B 6 -28.10 -14.29 -8.33
C LEU B 6 -27.30 -15.55 -8.74
N ILE B 7 -27.94 -16.45 -9.43
CA ILE B 7 -27.47 -17.77 -9.79
C ILE B 7 -27.13 -17.91 -11.26
N THR B 8 -26.08 -18.62 -11.65
CA THR B 8 -25.74 -18.72 -13.06
C THR B 8 -26.13 -20.10 -13.62
N GLY B 9 -26.39 -20.21 -14.92
CA GLY B 9 -26.77 -21.49 -15.47
C GLY B 9 -28.02 -22.09 -14.93
N CYS B 10 -29.17 -21.41 -14.94
CA CYS B 10 -30.40 -21.99 -14.49
C CYS B 10 -31.35 -22.53 -15.55
N SER B 11 -30.97 -22.83 -16.78
CA SER B 11 -31.88 -23.40 -17.76
C SER B 11 -32.41 -24.74 -17.22
N SER B 12 -31.51 -25.51 -16.60
CA SER B 12 -31.82 -26.83 -16.12
C SER B 12 -31.10 -27.31 -14.89
N GLY B 13 -31.10 -28.63 -14.67
CA GLY B 13 -30.48 -29.28 -13.55
C GLY B 13 -30.55 -28.46 -12.29
N ILE B 14 -29.39 -28.26 -11.68
CA ILE B 14 -29.26 -27.54 -10.42
C ILE B 14 -29.72 -26.08 -10.44
N GLY B 15 -29.27 -25.27 -11.39
CA GLY B 15 -29.66 -23.86 -11.50
C GLY B 15 -31.16 -23.66 -11.34
N LEU B 16 -31.92 -24.30 -12.22
CA LEU B 16 -33.37 -24.27 -12.25
C LEU B 16 -33.94 -24.67 -10.89
N HIS B 17 -33.64 -25.86 -10.38
CA HIS B 17 -34.18 -26.27 -9.10
C HIS B 17 -33.90 -25.40 -7.90
N LEU B 18 -32.70 -24.84 -7.74
CA LEU B 18 -32.38 -23.97 -6.60
C LEU B 18 -33.02 -22.63 -6.85
N ALA B 19 -33.15 -22.22 -8.11
CA ALA B 19 -33.80 -20.95 -8.48
C ALA B 19 -35.18 -20.94 -7.88
N VAL B 20 -36.00 -21.87 -8.39
CA VAL B 20 -37.38 -21.93 -7.87
C VAL B 20 -37.42 -22.38 -6.45
N ARG B 21 -36.50 -23.21 -5.95
CA ARG B 21 -36.62 -23.55 -4.53
C ARG B 21 -36.55 -22.28 -3.69
N LEU B 22 -35.56 -21.44 -4.03
CA LEU B 22 -35.32 -20.20 -3.34
C LEU B 22 -36.47 -19.23 -3.52
N ALA B 23 -36.93 -19.04 -4.76
CA ALA B 23 -38.04 -18.13 -5.00
C ALA B 23 -39.30 -18.60 -4.33
N SER B 24 -39.55 -19.89 -4.29
CA SER B 24 -40.78 -20.35 -3.63
C SER B 24 -40.59 -20.55 -2.16
N ASP B 25 -39.49 -20.08 -1.58
CA ASP B 25 -39.33 -20.31 -0.15
C ASP B 25 -40.52 -19.78 0.62
N PRO B 26 -41.00 -20.59 1.54
CA PRO B 26 -42.11 -20.24 2.40
C PRO B 26 -41.88 -18.92 3.11
N SER B 27 -40.65 -18.53 3.42
CA SER B 27 -40.36 -17.27 4.09
C SER B 27 -40.63 -16.11 3.16
N GLN B 28 -40.52 -16.38 1.85
CA GLN B 28 -40.72 -15.27 0.92
C GLN B 28 -39.68 -14.18 1.03
N SER B 29 -38.50 -14.48 1.59
CA SER B 29 -37.44 -13.52 1.76
C SER B 29 -36.39 -13.41 0.67
N PHE B 30 -36.50 -14.22 -0.38
CA PHE B 30 -35.52 -14.18 -1.44
C PHE B 30 -35.97 -13.55 -2.73
N LYS B 31 -35.12 -12.71 -3.29
CA LYS B 31 -35.45 -12.14 -4.62
C LYS B 31 -34.47 -12.94 -5.51
N VAL B 32 -34.95 -13.63 -6.52
CA VAL B 32 -34.08 -14.48 -7.30
C VAL B 32 -33.87 -14.07 -8.75
N TYR B 33 -32.60 -13.85 -9.11
CA TYR B 33 -32.27 -13.45 -10.46
C TYR B 33 -31.73 -14.60 -11.28
N ALA B 34 -32.51 -15.65 -11.48
CA ALA B 34 -32.07 -16.80 -12.27
C ALA B 34 -31.38 -16.36 -13.55
N THR B 35 -30.08 -16.39 -13.72
CA THR B 35 -29.57 -15.98 -15.07
C THR B 35 -29.35 -17.22 -15.91
N LEU B 36 -29.34 -17.18 -17.25
CA LEU B 36 -29.15 -18.31 -18.13
C LEU B 36 -28.25 -17.89 -19.32
N ARG B 37 -27.63 -18.87 -19.97
CA ARG B 37 -26.80 -18.53 -21.11
C ARG B 37 -27.61 -17.96 -22.24
N ASP B 38 -28.79 -18.51 -22.47
CA ASP B 38 -29.68 -18.08 -23.55
C ASP B 38 -31.10 -18.10 -22.99
N LEU B 39 -31.81 -16.99 -23.02
CA LEU B 39 -33.13 -16.92 -22.47
C LEU B 39 -34.15 -17.75 -23.16
N LYS B 40 -34.04 -18.07 -24.45
CA LYS B 40 -35.03 -18.87 -25.12
C LYS B 40 -35.21 -20.25 -24.49
N THR B 41 -34.31 -20.69 -23.65
CA THR B 41 -34.37 -21.97 -22.99
C THR B 41 -35.05 -21.86 -21.64
N GLN B 42 -35.55 -20.66 -21.30
CA GLN B 42 -36.16 -20.49 -20.00
C GLN B 42 -37.51 -21.10 -19.82
N GLY B 43 -38.06 -21.79 -20.81
CA GLY B 43 -39.38 -22.40 -20.65
C GLY B 43 -39.56 -23.15 -19.36
N ARG B 44 -38.79 -24.24 -19.19
CA ARG B 44 -38.94 -25.06 -17.99
C ARG B 44 -38.85 -24.35 -16.67
N LEU B 45 -37.87 -23.45 -16.54
CA LEU B 45 -37.66 -22.71 -15.32
C LEU B 45 -39.01 -22.09 -14.93
N TRP B 46 -39.45 -21.22 -15.83
CA TRP B 46 -40.69 -20.47 -15.63
C TRP B 46 -41.85 -21.39 -15.33
N GLU B 47 -41.99 -22.45 -16.14
CA GLU B 47 -43.07 -23.43 -15.91
C GLU B 47 -42.99 -24.02 -14.51
N ALA B 48 -41.78 -24.28 -14.04
CA ALA B 48 -41.52 -24.82 -12.71
C ALA B 48 -41.91 -23.77 -11.68
N ALA B 49 -41.41 -22.53 -11.88
CA ALA B 49 -41.72 -21.41 -10.99
C ALA B 49 -43.24 -21.21 -10.97
N ARG B 50 -43.81 -21.13 -12.18
CA ARG B 50 -45.26 -20.95 -12.26
C ARG B 50 -46.02 -22.06 -11.57
N ALA B 51 -45.55 -23.28 -11.75
CA ALA B 51 -46.14 -24.45 -11.08
C ALA B 51 -45.99 -24.36 -9.58
N LEU B 52 -44.87 -23.77 -9.10
CA LEU B 52 -44.71 -23.66 -7.64
C LEU B 52 -45.45 -22.48 -7.05
N ALA B 53 -45.83 -21.50 -7.87
CA ALA B 53 -46.53 -20.37 -7.22
C ALA B 53 -45.53 -19.65 -6.29
N CYS B 54 -44.77 -18.76 -6.95
CA CYS B 54 -43.77 -17.91 -6.31
C CYS B 54 -44.29 -16.48 -6.22
N PRO B 55 -44.04 -15.74 -5.17
CA PRO B 55 -44.53 -14.38 -5.05
C PRO B 55 -44.13 -13.64 -6.31
N PRO B 56 -45.00 -12.82 -6.81
CA PRO B 56 -44.77 -12.06 -8.04
C PRO B 56 -43.62 -11.11 -7.79
N GLY B 57 -42.61 -11.25 -8.64
CA GLY B 57 -41.42 -10.40 -8.50
C GLY B 57 -40.35 -11.19 -7.75
N SER B 58 -40.71 -12.37 -7.22
CA SER B 58 -39.76 -13.19 -6.54
C SER B 58 -38.86 -13.88 -7.56
N LEU B 59 -39.17 -13.86 -8.83
CA LEU B 59 -38.29 -14.49 -9.78
C LEU B 59 -38.15 -13.53 -10.95
N GLU B 60 -36.98 -13.48 -11.52
CA GLU B 60 -36.66 -12.61 -12.62
C GLU B 60 -35.49 -13.38 -13.28
N THR B 61 -35.39 -13.37 -14.57
CA THR B 61 -34.31 -14.12 -15.16
C THR B 61 -33.46 -13.17 -15.96
N LEU B 62 -32.16 -13.28 -16.06
CA LEU B 62 -31.48 -12.31 -16.96
C LEU B 62 -30.65 -13.20 -17.90
N GLN B 63 -30.11 -12.66 -18.97
CA GLN B 63 -29.24 -13.50 -19.80
C GLN B 63 -27.83 -13.23 -19.27
N LEU B 64 -26.98 -14.21 -19.13
CA LEU B 64 -25.64 -14.12 -18.58
C LEU B 64 -24.90 -15.36 -19.07
N ASP B 65 -24.01 -15.06 -20.00
CA ASP B 65 -23.16 -16.10 -20.54
C ASP B 65 -21.83 -15.86 -19.79
N VAL B 66 -21.60 -16.60 -18.74
CA VAL B 66 -20.43 -16.50 -17.92
C VAL B 66 -19.11 -16.53 -18.66
N ARG B 67 -19.02 -16.83 -19.95
CA ARG B 67 -17.76 -16.80 -20.67
C ARG B 67 -17.56 -15.47 -21.39
N ASP B 68 -18.40 -14.49 -21.16
CA ASP B 68 -18.29 -13.19 -21.75
C ASP B 68 -18.42 -12.20 -20.57
N SER B 69 -17.37 -11.46 -20.35
CA SER B 69 -17.32 -10.48 -19.28
C SER B 69 -18.29 -9.37 -19.56
N LYS B 70 -18.58 -9.03 -20.81
CA LYS B 70 -19.57 -7.97 -21.06
C LYS B 70 -20.93 -8.46 -20.61
N SER B 71 -21.24 -9.73 -20.90
CA SER B 71 -22.54 -10.26 -20.48
C SER B 71 -22.64 -10.11 -18.97
N VAL B 72 -21.56 -10.45 -18.26
CA VAL B 72 -21.62 -10.37 -16.82
C VAL B 72 -21.97 -9.00 -16.28
N ALA B 73 -21.25 -8.02 -16.82
CA ALA B 73 -21.44 -6.62 -16.36
C ALA B 73 -22.89 -6.24 -16.48
N ALA B 74 -23.35 -6.32 -17.74
CA ALA B 74 -24.75 -6.04 -18.11
C ALA B 74 -25.70 -6.62 -17.11
N ALA B 75 -25.75 -7.94 -16.90
CA ALA B 75 -26.67 -8.52 -15.95
C ALA B 75 -26.50 -7.84 -14.61
N ARG B 76 -25.24 -7.62 -14.21
CA ARG B 76 -25.06 -6.96 -12.90
C ARG B 76 -25.82 -5.65 -12.90
N GLU B 77 -25.69 -4.89 -13.98
CA GLU B 77 -26.36 -3.62 -14.13
C GLU B 77 -27.86 -3.77 -14.09
N ARG B 78 -28.35 -4.98 -14.36
CA ARG B 78 -29.76 -5.25 -14.31
C ARG B 78 -30.19 -5.68 -12.93
N VAL B 79 -29.32 -5.80 -11.93
CA VAL B 79 -29.86 -6.16 -10.60
C VAL B 79 -30.31 -4.90 -9.90
N THR B 80 -31.57 -4.55 -10.04
CA THR B 80 -32.05 -3.30 -9.48
C THR B 80 -31.85 -3.07 -8.02
N GLU B 81 -31.79 -4.04 -7.14
CA GLU B 81 -31.61 -3.71 -5.71
C GLU B 81 -30.25 -3.09 -5.44
N GLY B 82 -29.33 -3.17 -6.40
CA GLY B 82 -27.98 -2.70 -6.39
C GLY B 82 -27.08 -3.52 -5.47
N ARG B 83 -27.60 -4.71 -5.14
CA ARG B 83 -26.95 -5.61 -4.24
C ARG B 83 -27.37 -7.05 -4.59
N VAL B 84 -26.46 -7.94 -4.24
CA VAL B 84 -26.51 -9.37 -4.36
C VAL B 84 -26.04 -9.84 -2.96
N ASP B 85 -26.92 -10.59 -2.33
CA ASP B 85 -26.56 -11.08 -0.98
C ASP B 85 -25.99 -12.46 -1.21
N VAL B 86 -26.71 -13.22 -2.02
CA VAL B 86 -26.22 -14.55 -2.29
C VAL B 86 -25.81 -14.71 -3.75
N LEU B 87 -24.52 -14.91 -4.03
CA LEU B 87 -24.08 -15.06 -5.41
C LEU B 87 -23.90 -16.54 -5.71
N VAL B 88 -24.57 -17.11 -6.70
CA VAL B 88 -24.37 -18.53 -6.94
C VAL B 88 -23.61 -18.80 -8.25
N CYS B 89 -22.39 -19.34 -8.09
CA CYS B 89 -21.61 -19.75 -9.26
C CYS B 89 -21.91 -21.25 -9.50
N ASN B 90 -22.81 -21.45 -10.46
CA ASN B 90 -23.33 -22.75 -10.73
C ASN B 90 -23.13 -23.27 -12.10
N ALA B 91 -22.79 -22.51 -13.11
CA ALA B 91 -22.62 -23.05 -14.47
C ALA B 91 -21.43 -23.96 -14.57
N GLY B 92 -21.27 -24.72 -15.64
CA GLY B 92 -20.16 -25.65 -15.81
C GLY B 92 -20.55 -26.77 -16.77
N LEU B 93 -19.53 -27.30 -17.42
CA LEU B 93 -19.65 -28.35 -18.41
C LEU B 93 -18.71 -29.50 -18.04
N GLY B 94 -18.98 -30.71 -18.49
CA GLY B 94 -18.06 -31.85 -18.33
C GLY B 94 -17.34 -32.09 -19.69
N LEU B 95 -16.40 -33.01 -19.79
CA LEU B 95 -15.69 -33.34 -21.03
C LEU B 95 -14.99 -34.67 -20.75
N LEU B 96 -15.32 -35.71 -21.44
CA LEU B 96 -14.89 -37.09 -21.28
C LEU B 96 -14.02 -37.54 -22.46
N GLY B 97 -12.98 -38.30 -22.27
CA GLY B 97 -12.25 -38.75 -23.48
C GLY B 97 -10.79 -38.94 -23.16
N PRO B 98 -10.18 -39.88 -23.84
CA PRO B 98 -8.78 -40.14 -23.68
C PRO B 98 -8.11 -38.78 -23.87
N LEU B 99 -7.13 -38.45 -23.02
CA LEU B 99 -6.48 -37.15 -23.14
C LEU B 99 -6.03 -36.92 -24.58
N GLU B 100 -5.35 -37.86 -25.23
CA GLU B 100 -4.87 -37.58 -26.58
C GLU B 100 -5.96 -37.32 -27.61
N ALA B 101 -7.20 -37.65 -27.28
CA ALA B 101 -8.28 -37.44 -28.18
C ALA B 101 -8.96 -36.08 -28.00
N LEU B 102 -8.84 -35.39 -26.90
CA LEU B 102 -9.50 -34.12 -26.66
C LEU B 102 -8.99 -32.99 -27.53
N GLY B 103 -9.85 -32.11 -28.00
CA GLY B 103 -9.46 -30.99 -28.82
C GLY B 103 -9.26 -29.69 -28.11
N GLU B 104 -8.46 -28.83 -28.73
CA GLU B 104 -8.11 -27.53 -28.21
C GLU B 104 -9.31 -26.71 -27.78
N ASP B 105 -10.32 -26.60 -28.65
CA ASP B 105 -11.55 -25.85 -28.35
C ASP B 105 -12.24 -26.44 -27.14
N ALA B 106 -12.52 -27.75 -27.18
CA ALA B 106 -13.17 -28.39 -26.02
C ALA B 106 -12.39 -28.10 -24.74
N VAL B 107 -11.08 -28.32 -24.79
CA VAL B 107 -10.29 -28.05 -23.61
C VAL B 107 -10.50 -26.63 -23.14
N ALA B 108 -10.15 -25.70 -24.01
CA ALA B 108 -10.29 -24.29 -23.67
C ALA B 108 -11.67 -23.95 -23.13
N SER B 109 -12.71 -24.35 -23.84
CA SER B 109 -14.10 -24.15 -23.49
C SER B 109 -14.34 -24.60 -22.06
N VAL B 110 -13.99 -25.84 -21.74
CA VAL B 110 -14.17 -26.33 -20.37
C VAL B 110 -13.51 -25.39 -19.39
N LEU B 111 -12.23 -25.08 -19.52
CA LEU B 111 -11.54 -24.14 -18.64
C LEU B 111 -12.14 -22.76 -18.60
N ASP B 112 -12.56 -22.23 -19.72
CA ASP B 112 -13.21 -20.92 -19.78
C ASP B 112 -14.53 -20.82 -19.02
N VAL B 113 -15.33 -21.88 -19.03
CA VAL B 113 -16.63 -21.83 -18.35
C VAL B 113 -16.56 -22.17 -16.89
N ASN B 114 -15.87 -23.31 -16.66
CA ASN B 114 -15.83 -23.76 -15.27
C ASN B 114 -14.97 -22.87 -14.40
N VAL B 115 -13.76 -22.58 -14.85
CA VAL B 115 -12.82 -21.76 -14.05
C VAL B 115 -12.87 -20.27 -14.38
N VAL B 116 -12.45 -19.99 -15.64
CA VAL B 116 -12.47 -18.58 -15.99
C VAL B 116 -13.81 -17.95 -15.74
N GLY B 117 -14.93 -18.61 -16.08
CA GLY B 117 -16.19 -17.96 -15.78
C GLY B 117 -16.39 -17.72 -14.32
N THR B 118 -15.93 -18.58 -13.39
CA THR B 118 -16.28 -18.21 -11.98
C THR B 118 -15.44 -16.99 -11.66
N VAL B 119 -14.20 -16.97 -12.20
CA VAL B 119 -13.36 -15.79 -11.97
C VAL B 119 -14.13 -14.55 -12.38
N ARG B 120 -14.69 -14.42 -13.57
CA ARG B 120 -15.46 -13.25 -13.96
C ARG B 120 -16.62 -12.84 -13.08
N MET B 121 -17.33 -13.81 -12.57
CA MET B 121 -18.49 -13.48 -11.72
C MET B 121 -17.98 -12.79 -10.47
N LEU B 122 -16.99 -13.40 -9.84
CA LEU B 122 -16.40 -12.88 -8.60
C LEU B 122 -15.80 -11.50 -8.73
N GLN B 123 -15.03 -11.28 -9.79
CA GLN B 123 -14.45 -9.96 -10.04
C GLN B 123 -15.63 -9.00 -10.11
N ALA B 124 -16.63 -9.18 -10.95
CA ALA B 124 -17.80 -8.35 -11.10
C ALA B 124 -18.57 -8.16 -9.81
N PHE B 125 -18.74 -9.19 -8.96
CA PHE B 125 -19.44 -9.18 -7.70
C PHE B 125 -18.69 -9.20 -6.39
N LEU B 126 -17.50 -9.70 -6.09
CA LEU B 126 -16.92 -9.58 -4.75
C LEU B 126 -16.82 -8.13 -4.27
N PRO B 127 -16.17 -7.26 -4.99
CA PRO B 127 -16.07 -5.85 -4.71
C PRO B 127 -17.22 -5.31 -3.88
N ASP B 128 -18.40 -5.17 -4.46
CA ASP B 128 -19.51 -4.68 -3.65
C ASP B 128 -19.86 -5.51 -2.45
N MET B 129 -19.64 -6.81 -2.30
CA MET B 129 -20.01 -7.47 -1.04
C MET B 129 -18.93 -7.11 -0.01
N LYS B 130 -17.68 -7.18 -0.51
CA LYS B 130 -16.54 -6.81 0.33
C LYS B 130 -16.80 -5.40 0.89
N ARG B 131 -17.06 -4.44 -0.01
CA ARG B 131 -17.35 -3.08 0.41
C ARG B 131 -18.52 -3.03 1.38
N ARG B 132 -19.59 -3.82 1.18
CA ARG B 132 -20.74 -3.73 2.07
C ARG B 132 -20.53 -4.64 3.27
N GLY B 133 -19.41 -5.34 3.21
CA GLY B 133 -18.99 -6.26 4.25
C GLY B 133 -20.13 -7.23 4.55
N SER B 134 -20.67 -7.81 3.48
CA SER B 134 -21.76 -8.77 3.59
C SER B 134 -21.95 -9.36 2.18
N GLY B 135 -22.18 -10.67 2.24
CA GLY B 135 -22.31 -11.36 0.93
C GLY B 135 -22.08 -12.83 1.23
N ARG B 136 -22.60 -13.68 0.36
CA ARG B 136 -22.45 -15.14 0.53
C ARG B 136 -22.20 -15.64 -0.90
N VAL B 137 -21.13 -16.31 -1.11
CA VAL B 137 -20.79 -16.88 -2.39
C VAL B 137 -20.85 -18.41 -2.22
N LEU B 138 -21.68 -19.03 -3.00
CA LEU B 138 -21.89 -20.45 -3.00
C LEU B 138 -21.50 -20.91 -4.41
N VAL B 139 -20.71 -21.94 -4.48
CA VAL B 139 -20.21 -22.40 -5.75
C VAL B 139 -20.59 -23.88 -5.81
N THR B 140 -21.03 -24.33 -6.95
CA THR B 140 -21.39 -25.71 -7.13
C THR B 140 -20.23 -26.68 -7.09
N GLY B 141 -20.18 -27.49 -6.02
CA GLY B 141 -19.09 -28.47 -5.89
C GLY B 141 -19.22 -29.58 -6.88
N SER B 142 -18.20 -30.40 -6.98
CA SER B 142 -18.18 -31.53 -7.94
C SER B 142 -17.12 -32.48 -7.42
N VAL B 143 -17.32 -33.76 -7.37
CA VAL B 143 -16.39 -34.75 -6.85
C VAL B 143 -15.14 -35.00 -7.64
N GLY B 144 -15.15 -34.75 -8.92
CA GLY B 144 -14.03 -34.90 -9.86
C GLY B 144 -13.16 -33.62 -9.79
N GLY B 145 -13.38 -32.87 -8.75
CA GLY B 145 -12.75 -31.69 -8.27
C GLY B 145 -12.01 -32.05 -6.95
N LEU B 146 -12.31 -33.16 -6.33
CA LEU B 146 -11.67 -33.57 -5.11
C LEU B 146 -10.75 -34.74 -5.36
N MET B 147 -10.93 -35.47 -6.45
CA MET B 147 -10.05 -36.62 -6.76
C MET B 147 -10.03 -36.88 -8.24
N GLY B 148 -8.94 -37.34 -8.82
CA GLY B 148 -8.85 -37.62 -10.23
C GLY B 148 -9.62 -38.87 -10.64
N LEU B 149 -10.22 -38.80 -11.82
CA LEU B 149 -11.03 -39.85 -12.46
C LEU B 149 -10.51 -40.10 -13.87
N PRO B 150 -10.28 -41.34 -14.23
CA PRO B 150 -9.70 -41.70 -15.52
C PRO B 150 -10.56 -41.06 -16.60
N PHE B 151 -10.06 -40.81 -17.79
CA PHE B 151 -10.74 -40.22 -18.91
C PHE B 151 -11.45 -38.89 -18.74
N ASN B 152 -11.40 -38.24 -17.60
CA ASN B 152 -11.97 -36.97 -17.31
C ASN B 152 -10.87 -36.04 -16.78
N ASP B 153 -9.66 -36.24 -17.31
CA ASP B 153 -8.49 -35.45 -16.94
C ASP B 153 -8.73 -33.96 -17.04
N VAL B 154 -9.18 -33.45 -18.17
CA VAL B 154 -9.40 -31.99 -18.28
C VAL B 154 -10.53 -31.45 -17.43
N TYR B 155 -11.63 -32.21 -17.36
CA TYR B 155 -12.79 -31.84 -16.55
C TYR B 155 -12.31 -31.75 -15.10
N CYS B 156 -11.56 -32.78 -14.71
CA CYS B 156 -11.07 -32.83 -13.33
C CYS B 156 -10.14 -31.65 -13.08
N ALA B 157 -9.25 -31.39 -14.04
CA ALA B 157 -8.33 -30.27 -13.96
C ALA B 157 -9.09 -28.98 -13.71
N SER B 158 -10.17 -28.81 -14.51
CA SER B 158 -10.94 -27.57 -14.45
C SER B 158 -11.77 -27.54 -13.19
N LYS B 159 -12.05 -28.69 -12.64
CA LYS B 159 -12.85 -28.78 -11.41
C LYS B 159 -11.99 -28.67 -10.16
N PHE B 160 -10.71 -29.09 -10.22
CA PHE B 160 -9.82 -28.93 -9.06
C PHE B 160 -9.48 -27.41 -8.97
N ALA B 161 -9.37 -26.78 -10.15
CA ALA B 161 -9.08 -25.36 -10.23
C ALA B 161 -10.08 -24.58 -9.41
N LEU B 162 -11.36 -24.85 -9.46
CA LEU B 162 -12.34 -24.12 -8.66
C LEU B 162 -12.08 -24.25 -7.17
N GLU B 163 -11.60 -25.40 -6.76
CA GLU B 163 -11.31 -25.61 -5.33
C GLU B 163 -10.24 -24.58 -5.00
N GLY B 164 -9.16 -24.66 -5.79
CA GLY B 164 -8.01 -23.81 -5.55
C GLY B 164 -8.39 -22.34 -5.52
N LEU B 165 -9.19 -21.96 -6.52
CA LEU B 165 -9.65 -20.58 -6.60
C LEU B 165 -10.49 -20.24 -5.37
N CYS B 166 -11.35 -21.22 -5.02
CA CYS B 166 -12.23 -20.93 -3.89
C CYS B 166 -11.42 -20.91 -2.62
N GLU B 167 -10.52 -21.88 -2.44
CA GLU B 167 -9.78 -21.93 -1.20
C GLU B 167 -8.92 -20.75 -0.87
N SER B 168 -8.35 -20.12 -1.89
CA SER B 168 -7.54 -18.90 -1.77
C SER B 168 -8.41 -17.77 -1.27
N LEU B 169 -9.52 -17.45 -1.92
CA LEU B 169 -10.40 -16.40 -1.49
C LEU B 169 -10.98 -16.58 -0.12
N ALA B 170 -11.26 -17.78 0.38
CA ALA B 170 -11.85 -17.87 1.74
C ALA B 170 -10.77 -17.51 2.77
N VAL B 171 -9.52 -17.86 2.47
CA VAL B 171 -8.42 -17.53 3.38
C VAL B 171 -8.40 -16.02 3.54
N LEU B 172 -8.65 -15.27 2.49
CA LEU B 172 -8.65 -13.84 2.53
C LEU B 172 -9.89 -13.20 3.10
N LEU B 173 -11.04 -13.52 2.57
CA LEU B 173 -12.34 -12.96 2.80
C LEU B 173 -12.96 -13.13 4.17
N LEU B 174 -12.38 -14.04 4.91
CA LEU B 174 -12.89 -14.32 6.25
C LEU B 174 -13.27 -13.03 6.93
N PRO B 175 -12.28 -12.18 7.12
CA PRO B 175 -12.43 -10.89 7.75
C PRO B 175 -13.44 -9.97 7.13
N PHE B 176 -13.69 -9.97 5.82
CA PHE B 176 -14.60 -8.98 5.26
C PHE B 176 -16.10 -9.24 5.34
N GLY B 177 -16.57 -10.30 5.99
CA GLY B 177 -18.04 -10.50 6.05
C GLY B 177 -18.47 -11.46 4.96
N VAL B 178 -17.74 -11.46 3.85
CA VAL B 178 -18.07 -12.32 2.74
C VAL B 178 -17.68 -13.76 3.00
N HIS B 179 -18.62 -14.70 2.79
CA HIS B 179 -18.25 -16.10 3.07
C HIS B 179 -18.44 -16.97 1.84
N LEU B 180 -17.41 -17.70 1.45
CA LEU B 180 -17.53 -18.60 0.30
C LEU B 180 -17.55 -20.05 0.78
N SER B 181 -18.41 -20.83 0.13
CA SER B 181 -18.71 -22.21 0.34
C SER B 181 -18.90 -23.00 -0.96
N LEU B 182 -18.38 -24.20 -1.05
CA LEU B 182 -18.61 -25.02 -2.25
C LEU B 182 -19.66 -26.07 -1.84
N ILE B 183 -20.67 -26.40 -2.65
CA ILE B 183 -21.64 -27.48 -2.28
C ILE B 183 -21.11 -28.72 -3.02
N GLU B 184 -20.35 -29.63 -2.44
CA GLU B 184 -19.82 -30.75 -3.21
C GLU B 184 -20.88 -31.83 -3.42
N CYS B 185 -21.06 -32.23 -4.69
CA CYS B 185 -21.95 -33.18 -5.27
C CYS B 185 -21.37 -34.43 -5.96
N GLY B 186 -22.13 -35.53 -5.92
CA GLY B 186 -21.63 -36.72 -6.68
C GLY B 186 -22.45 -36.71 -7.96
N PRO B 187 -22.65 -37.77 -8.65
CA PRO B 187 -23.56 -37.76 -9.80
C PRO B 187 -24.92 -37.21 -9.34
N VAL B 188 -25.54 -36.40 -10.18
CA VAL B 188 -26.82 -35.75 -10.01
C VAL B 188 -27.56 -35.87 -11.35
N HIS B 189 -28.84 -36.14 -11.27
CA HIS B 189 -29.66 -36.30 -12.46
C HIS B 189 -29.96 -34.96 -13.07
N THR B 190 -29.16 -34.51 -14.03
CA THR B 190 -29.48 -33.18 -14.62
C THR B 190 -29.39 -33.35 -16.13
N ALA B 191 -29.05 -32.29 -16.82
CA ALA B 191 -28.86 -32.34 -18.24
C ALA B 191 -27.39 -32.63 -18.54
N PHE B 192 -26.57 -32.60 -17.50
CA PHE B 192 -25.15 -32.70 -17.47
C PHE B 192 -24.50 -33.76 -18.32
N MET B 193 -24.87 -34.99 -17.96
CA MET B 193 -24.24 -36.10 -18.67
C MET B 193 -24.68 -36.27 -20.08
N GLU B 194 -25.97 -36.01 -20.31
CA GLU B 194 -26.46 -36.15 -21.67
C GLU B 194 -25.64 -35.26 -22.60
N LYS B 195 -25.14 -34.11 -22.14
CA LYS B 195 -24.35 -33.22 -22.97
C LYS B 195 -22.91 -33.67 -23.13
N VAL B 196 -22.37 -34.31 -22.11
CA VAL B 196 -20.99 -34.79 -22.03
C VAL B 196 -20.78 -35.96 -22.98
N LEU B 197 -19.68 -35.91 -23.73
CA LEU B 197 -19.42 -36.95 -24.73
C LEU B 197 -17.93 -37.25 -24.83
N VAL B 203 -11.96 -40.18 -31.33
CA VAL B 203 -11.34 -40.98 -30.28
C VAL B 203 -10.67 -42.21 -30.90
N LEU B 204 -11.46 -42.97 -31.63
CA LEU B 204 -10.98 -44.17 -32.29
C LEU B 204 -9.71 -43.92 -33.07
N ASP B 205 -9.70 -42.86 -33.85
CA ASP B 205 -8.60 -42.44 -34.69
C ASP B 205 -7.46 -41.75 -33.98
N ARG B 206 -7.64 -41.25 -32.75
CA ARG B 206 -6.61 -40.51 -32.03
C ARG B 206 -6.04 -41.16 -30.78
N THR B 207 -6.58 -42.31 -30.43
CA THR B 207 -6.17 -43.04 -29.22
C THR B 207 -5.66 -44.41 -29.64
N ASP B 208 -4.92 -45.13 -28.86
CA ASP B 208 -4.41 -46.44 -29.23
C ASP B 208 -5.36 -47.52 -28.74
N ILE B 209 -5.35 -48.70 -29.34
CA ILE B 209 -6.18 -49.84 -28.94
C ILE B 209 -6.34 -50.03 -27.45
N HIS B 210 -5.32 -50.04 -26.62
CA HIS B 210 -5.55 -50.22 -25.20
C HIS B 210 -6.32 -49.11 -24.53
N THR B 211 -6.04 -47.84 -24.80
CA THR B 211 -6.81 -46.77 -24.11
C THR B 211 -8.26 -46.85 -24.57
N PHE B 212 -8.39 -47.15 -25.86
CA PHE B 212 -9.69 -47.29 -26.49
C PHE B 212 -10.58 -48.27 -25.74
N HIS B 213 -10.20 -49.56 -25.72
CA HIS B 213 -10.93 -50.55 -24.94
C HIS B 213 -11.08 -50.03 -23.53
N ARG B 214 -10.11 -49.46 -22.87
CA ARG B 214 -10.29 -48.97 -21.48
C ARG B 214 -11.37 -47.91 -21.40
N PHE B 215 -11.34 -47.05 -22.43
CA PHE B 215 -12.32 -45.98 -22.53
C PHE B 215 -13.75 -46.55 -22.45
N TYR B 216 -13.99 -47.41 -23.44
CA TYR B 216 -15.27 -48.11 -23.52
C TYR B 216 -15.51 -48.81 -22.21
N GLN B 217 -14.56 -49.47 -21.57
CA GLN B 217 -14.86 -50.10 -20.30
C GLN B 217 -15.23 -49.08 -19.25
N TYR B 218 -14.56 -47.92 -19.21
CA TYR B 218 -14.92 -46.86 -18.27
C TYR B 218 -16.37 -46.40 -18.51
N LEU B 219 -16.54 -45.96 -19.76
CA LEU B 219 -17.84 -45.50 -20.24
C LEU B 219 -18.95 -46.36 -19.66
N ALA B 220 -19.09 -47.61 -20.10
CA ALA B 220 -20.13 -48.50 -19.65
C ALA B 220 -20.38 -48.40 -18.16
N LEU B 221 -19.27 -48.55 -17.42
CA LEU B 221 -19.42 -48.47 -15.97
C LEU B 221 -19.93 -47.13 -15.50
N SER B 222 -19.35 -46.02 -15.97
CA SER B 222 -19.87 -44.73 -15.44
C SER B 222 -21.39 -44.74 -15.53
N LYS B 223 -21.93 -44.82 -16.75
CA LYS B 223 -23.36 -44.86 -16.95
C LYS B 223 -24.02 -45.81 -15.99
N GLN B 224 -23.65 -47.08 -15.78
CA GLN B 224 -24.40 -47.86 -14.80
C GLN B 224 -24.36 -47.21 -13.43
N VAL B 225 -23.19 -46.73 -13.01
CA VAL B 225 -23.03 -46.14 -11.71
C VAL B 225 -23.71 -44.82 -11.49
N PHE B 226 -23.71 -44.00 -12.54
CA PHE B 226 -24.33 -42.67 -12.43
C PHE B 226 -25.80 -42.89 -12.06
N ARG B 227 -26.44 -43.71 -12.88
CA ARG B 227 -27.84 -44.16 -12.75
C ARG B 227 -28.07 -44.72 -11.36
N GLU B 228 -27.15 -45.48 -10.79
CA GLU B 228 -27.30 -46.03 -9.45
C GLU B 228 -27.10 -44.97 -8.38
N ALA B 229 -26.13 -44.07 -8.47
CA ALA B 229 -25.90 -43.09 -7.44
C ALA B 229 -26.50 -41.71 -7.65
N ALA B 230 -26.62 -41.29 -8.90
CA ALA B 230 -27.06 -39.95 -9.25
C ALA B 230 -28.14 -39.42 -8.33
N GLN B 231 -28.01 -38.28 -7.69
CA GLN B 231 -29.07 -37.78 -6.84
C GLN B 231 -29.97 -36.81 -7.60
N ASN B 232 -31.03 -36.39 -6.91
CA ASN B 232 -31.97 -35.47 -7.53
C ASN B 232 -31.46 -34.07 -7.39
N PRO B 233 -31.71 -33.28 -8.40
CA PRO B 233 -31.31 -31.89 -8.43
C PRO B 233 -32.00 -31.13 -7.33
N GLU B 234 -33.09 -31.68 -6.77
CA GLU B 234 -33.84 -31.07 -5.70
C GLU B 234 -33.16 -31.37 -4.39
N GLU B 235 -32.43 -32.47 -4.32
CA GLU B 235 -31.70 -32.85 -3.11
C GLU B 235 -30.55 -31.88 -2.83
N VAL B 236 -29.95 -31.52 -3.97
CA VAL B 236 -28.82 -30.59 -3.98
C VAL B 236 -29.21 -29.19 -3.60
N ALA B 237 -30.33 -28.62 -3.98
CA ALA B 237 -30.73 -27.25 -3.59
C ALA B 237 -30.89 -27.09 -2.09
N GLU B 238 -31.38 -28.18 -1.50
CA GLU B 238 -31.57 -28.22 -0.06
C GLU B 238 -30.19 -28.02 0.57
N VAL B 239 -29.14 -28.66 -0.04
CA VAL B 239 -27.82 -28.45 0.56
C VAL B 239 -27.42 -26.99 0.40
N PHE B 240 -27.52 -26.38 -0.79
CA PHE B 240 -27.23 -24.96 -0.92
C PHE B 240 -28.01 -24.19 0.13
N LEU B 241 -29.27 -24.52 0.40
CA LEU B 241 -30.04 -23.82 1.42
C LEU B 241 -29.44 -23.97 2.80
N THR B 242 -29.03 -25.20 3.11
CA THR B 242 -28.36 -25.50 4.38
C THR B 242 -27.20 -24.53 4.62
N ALA B 243 -26.22 -24.55 3.73
CA ALA B 243 -25.05 -23.72 3.79
C ALA B 243 -25.37 -22.25 3.95
N LEU B 244 -26.28 -21.78 3.07
CA LEU B 244 -26.70 -20.39 3.08
C LEU B 244 -27.57 -20.15 4.29
N ARG B 245 -27.92 -21.15 5.09
CA ARG B 245 -28.68 -20.84 6.31
C ARG B 245 -27.68 -20.74 7.48
N ALA B 246 -26.45 -21.24 7.24
CA ALA B 246 -25.47 -21.24 8.33
C ALA B 246 -25.16 -19.83 8.75
N PRO B 247 -25.02 -19.61 10.04
CA PRO B 247 -24.70 -18.31 10.63
C PRO B 247 -23.22 -18.07 10.27
N LYS B 248 -22.45 -19.15 10.35
CA LYS B 248 -21.04 -19.12 9.95
C LYS B 248 -20.79 -20.39 9.13
N PRO B 249 -20.91 -20.28 7.82
CA PRO B 249 -20.78 -21.37 6.88
C PRO B 249 -19.37 -21.88 6.68
N THR B 250 -19.20 -23.20 6.66
CA THR B 250 -17.90 -23.83 6.46
C THR B 250 -17.46 -23.72 5.04
N LEU B 251 -16.31 -24.20 4.56
CA LEU B 251 -15.97 -24.01 3.12
C LEU B 251 -16.47 -25.13 2.24
N ARG B 252 -16.81 -26.28 2.84
CA ARG B 252 -17.32 -27.42 2.14
C ARG B 252 -18.54 -28.03 2.81
N TYR B 253 -19.52 -28.25 1.95
CA TYR B 253 -20.79 -28.88 2.24
C TYR B 253 -20.83 -30.04 1.25
N PHE B 254 -21.22 -31.22 1.70
CA PHE B 254 -21.25 -32.39 0.81
C PHE B 254 -22.69 -32.83 0.65
N THR B 255 -23.10 -33.15 -0.58
CA THR B 255 -24.49 -33.51 -0.80
C THR B 255 -24.86 -34.93 -0.50
N THR B 256 -23.87 -35.75 -0.16
CA THR B 256 -24.05 -37.17 0.12
C THR B 256 -22.82 -37.64 0.88
N GLU B 257 -22.88 -38.72 1.66
CA GLU B 257 -21.68 -39.16 2.41
C GLU B 257 -20.88 -40.14 1.56
N ARG B 258 -21.50 -40.70 0.55
CA ARG B 258 -20.93 -41.62 -0.39
C ARG B 258 -19.51 -41.49 -0.85
N PHE B 259 -18.85 -40.32 -1.00
CA PHE B 259 -17.48 -40.39 -1.57
C PHE B 259 -16.47 -40.14 -0.49
N LEU B 260 -17.05 -39.73 0.65
CA LEU B 260 -16.33 -39.49 1.88
C LEU B 260 -15.25 -40.52 2.14
N PRO B 261 -15.57 -41.79 2.22
CA PRO B 261 -14.63 -42.88 2.41
C PRO B 261 -13.55 -42.82 1.33
N LEU B 262 -13.95 -42.67 0.06
CA LEU B 262 -12.92 -42.59 -0.98
C LEU B 262 -11.95 -41.44 -0.76
N LEU B 263 -12.46 -40.30 -0.36
CA LEU B 263 -11.70 -39.10 -0.08
C LEU B 263 -10.63 -39.23 1.00
N ARG B 264 -11.02 -39.78 2.14
CA ARG B 264 -10.14 -39.98 3.30
C ARG B 264 -8.94 -40.82 2.94
N MET B 265 -9.05 -41.92 2.19
CA MET B 265 -7.80 -42.65 1.88
C MET B 265 -6.93 -41.96 0.85
N ARG B 266 -7.47 -40.95 0.19
CA ARG B 266 -6.83 -40.11 -0.79
C ARG B 266 -5.96 -39.13 0.02
N LEU B 267 -6.62 -38.60 1.04
CA LEU B 267 -5.95 -37.66 1.95
C LEU B 267 -5.01 -38.38 2.89
N ASP B 268 -5.30 -39.65 3.18
CA ASP B 268 -4.42 -40.39 4.08
C ASP B 268 -3.17 -40.84 3.34
N ASP B 269 -2.81 -40.27 2.19
CA ASP B 269 -1.60 -40.75 1.49
C ASP B 269 -1.11 -39.79 0.43
N PRO B 270 -0.31 -38.81 0.86
CA PRO B 270 0.25 -37.73 0.08
C PRO B 270 0.99 -38.22 -1.12
N SER B 271 1.77 -39.29 -1.01
CA SER B 271 2.39 -39.84 -2.21
C SER B 271 1.35 -40.16 -3.28
N GLY B 272 0.09 -40.43 -2.96
CA GLY B 272 -0.97 -40.74 -3.87
C GLY B 272 -1.02 -42.15 -4.43
N SER B 273 -0.02 -42.98 -4.16
CA SER B 273 0.03 -44.33 -4.72
C SER B 273 -1.24 -45.08 -4.37
N ASN B 274 -1.70 -44.98 -3.13
CA ASN B 274 -2.89 -45.66 -2.68
C ASN B 274 -4.13 -45.34 -3.46
N TYR B 275 -4.42 -44.02 -3.52
CA TYR B 275 -5.62 -43.67 -4.27
C TYR B 275 -5.47 -44.29 -5.64
N VAL B 276 -4.44 -43.96 -6.38
CA VAL B 276 -4.30 -44.52 -7.72
C VAL B 276 -4.66 -45.95 -7.86
N THR B 277 -4.14 -46.80 -6.99
CA THR B 277 -4.48 -48.23 -7.08
C THR B 277 -5.95 -48.47 -6.79
N ALA B 278 -6.43 -47.93 -5.68
CA ALA B 278 -7.84 -48.07 -5.35
C ALA B 278 -8.73 -47.57 -6.48
N MET B 279 -8.50 -46.37 -7.03
CA MET B 279 -9.35 -45.93 -8.10
C MET B 279 -9.17 -46.79 -9.34
N HIS B 280 -7.99 -47.31 -9.63
CA HIS B 280 -7.88 -48.12 -10.85
C HIS B 280 -8.77 -49.35 -10.71
N ARG B 281 -8.72 -50.01 -9.56
CA ARG B 281 -9.57 -51.16 -9.29
C ARG B 281 -11.03 -50.73 -9.22
N GLU B 282 -11.39 -49.60 -8.63
CA GLU B 282 -12.79 -49.22 -8.65
C GLU B 282 -13.35 -49.08 -10.07
N VAL B 283 -12.54 -48.56 -11.00
CA VAL B 283 -12.98 -48.37 -12.36
C VAL B 283 -12.75 -49.55 -13.25
N PHE B 284 -11.70 -50.34 -13.19
CA PHE B 284 -11.50 -51.42 -14.14
C PHE B 284 -11.49 -52.77 -13.44
N GLY B 285 -11.95 -52.79 -12.20
CA GLY B 285 -12.02 -54.00 -11.42
C GLY B 285 -10.73 -54.72 -11.15
N ALA C 1 23.67 39.92 -18.92
CA ALA C 1 22.69 41.09 -18.89
C ALA C 1 22.79 41.87 -17.61
N ARG C 2 21.82 42.64 -17.10
CA ARG C 2 22.03 43.40 -15.88
C ARG C 2 21.30 43.13 -14.60
N THR C 3 20.04 42.70 -14.55
CA THR C 3 19.48 42.42 -13.19
C THR C 3 20.01 41.05 -12.79
N VAL C 4 20.88 40.97 -11.79
CA VAL C 4 21.50 39.73 -11.37
C VAL C 4 20.59 38.87 -10.51
N VAL C 5 20.18 37.67 -10.96
CA VAL C 5 19.28 36.81 -10.17
C VAL C 5 19.99 35.61 -9.61
N LEU C 6 19.68 35.07 -8.44
CA LEU C 6 20.33 33.86 -7.91
C LEU C 6 19.21 32.94 -7.42
N ILE C 7 19.17 31.73 -7.95
CA ILE C 7 18.07 30.83 -7.57
C ILE C 7 18.65 29.53 -7.04
N THR C 8 18.11 28.98 -5.97
CA THR C 8 18.51 27.73 -5.37
C THR C 8 17.59 26.61 -5.88
N GLY C 9 18.15 25.42 -6.13
CA GLY C 9 17.45 24.26 -6.56
C GLY C 9 16.88 24.32 -7.94
N CYS C 10 17.74 24.57 -8.92
CA CYS C 10 17.28 24.62 -10.31
C CYS C 10 17.66 23.39 -11.13
N SER C 11 17.58 22.21 -10.50
CA SER C 11 18.01 21.01 -11.27
C SER C 11 16.75 20.40 -11.89
N SER C 12 15.65 21.02 -11.49
CA SER C 12 14.35 20.61 -11.95
C SER C 12 13.22 21.43 -11.37
N GLY C 13 11.93 21.14 -11.55
CA GLY C 13 10.78 21.82 -11.03
C GLY C 13 10.64 23.30 -11.17
N ILE C 14 10.17 24.05 -10.13
CA ILE C 14 10.02 25.49 -10.26
C ILE C 14 11.33 26.20 -10.57
N GLY C 15 12.45 25.70 -10.06
CA GLY C 15 13.75 26.29 -10.25
C GLY C 15 14.31 26.23 -11.64
N LEU C 16 14.31 25.06 -12.31
CA LEU C 16 14.88 24.99 -13.67
C LEU C 16 14.13 26.08 -14.43
N HIS C 17 12.79 25.92 -14.34
CA HIS C 17 11.87 26.80 -15.06
C HIS C 17 11.96 28.25 -14.73
N LEU C 18 12.09 28.74 -13.51
CA LEU C 18 12.25 30.22 -13.36
C LEU C 18 13.62 30.58 -13.94
N ALA C 19 14.60 29.72 -13.66
CA ALA C 19 15.94 29.99 -14.16
C ALA C 19 15.95 30.25 -15.65
N VAL C 20 15.40 29.33 -16.44
CA VAL C 20 15.43 29.52 -17.89
C VAL C 20 14.37 30.52 -18.32
N ARG C 21 13.25 30.68 -17.61
CA ARG C 21 12.31 31.69 -18.08
C ARG C 21 13.02 33.05 -18.18
N LEU C 22 13.45 33.55 -17.06
CA LEU C 22 14.15 34.82 -16.98
C LEU C 22 15.34 34.87 -17.95
N ALA C 23 16.15 33.83 -17.96
CA ALA C 23 17.33 33.77 -18.80
C ALA C 23 17.02 34.01 -20.27
N SER C 24 15.92 33.52 -20.80
CA SER C 24 15.50 33.67 -22.18
C SER C 24 14.46 34.77 -22.38
N ASP C 25 14.52 35.80 -21.54
CA ASP C 25 13.59 36.90 -21.58
C ASP C 25 13.93 37.87 -22.69
N PRO C 26 12.92 38.25 -23.46
CA PRO C 26 13.01 39.18 -24.58
C PRO C 26 13.84 40.40 -24.21
N SER C 27 13.46 41.01 -23.09
CA SER C 27 14.19 42.16 -22.56
C SER C 27 15.63 41.75 -22.36
N GLN C 28 15.91 40.50 -22.01
CA GLN C 28 17.31 40.12 -21.82
C GLN C 28 17.98 41.04 -20.81
N SER C 29 17.30 41.42 -19.74
CA SER C 29 17.93 42.27 -18.74
C SER C 29 18.46 41.48 -17.56
N PHE C 30 18.11 40.19 -17.46
CA PHE C 30 18.50 39.31 -16.38
C PHE C 30 19.74 38.47 -16.66
N LYS C 31 20.50 38.25 -15.61
CA LYS C 31 21.66 37.36 -15.65
C LYS C 31 21.31 36.37 -14.50
N VAL C 32 21.15 35.11 -14.81
CA VAL C 32 20.73 34.14 -13.84
C VAL C 32 21.78 33.17 -13.35
N TYR C 33 21.98 33.11 -12.03
CA TYR C 33 22.91 32.12 -11.47
C TYR C 33 22.01 31.00 -10.94
N ALA C 34 21.90 29.91 -11.68
CA ALA C 34 21.03 28.81 -11.26
C ALA C 34 21.88 27.86 -10.44
N THR C 35 21.49 27.71 -9.16
CA THR C 35 22.32 26.82 -8.35
C THR C 35 21.68 25.48 -8.12
N LEU C 36 22.54 24.46 -8.19
CA LEU C 36 22.19 23.07 -8.04
C LEU C 36 22.87 22.43 -6.83
N ARG C 37 22.10 21.59 -6.11
CA ARG C 37 22.69 20.95 -4.93
C ARG C 37 23.89 20.13 -5.34
N ASP C 38 23.89 19.64 -6.56
CA ASP C 38 24.97 18.85 -7.14
C ASP C 38 24.93 19.25 -8.62
N LEU C 39 25.98 19.94 -8.99
CA LEU C 39 26.12 20.43 -10.37
C LEU C 39 25.99 19.36 -11.43
N LYS C 40 26.38 18.13 -11.07
CA LYS C 40 26.41 16.95 -11.89
C LYS C 40 25.03 16.70 -12.51
N THR C 41 24.00 17.20 -11.84
CA THR C 41 22.67 16.97 -12.39
C THR C 41 22.16 18.13 -13.20
N GLN C 42 23.02 18.98 -13.80
CA GLN C 42 22.61 20.12 -14.54
C GLN C 42 22.27 19.93 -15.98
N GLY C 43 22.43 18.76 -16.50
CA GLY C 43 22.14 18.48 -17.91
C GLY C 43 20.74 18.85 -18.33
N ARG C 44 19.74 18.58 -17.47
CA ARG C 44 18.39 18.92 -17.91
C ARG C 44 18.23 20.44 -17.96
N LEU C 45 18.84 21.19 -17.07
CA LEU C 45 18.77 22.63 -17.03
C LEU C 45 19.23 23.24 -18.34
N TRP C 46 20.40 22.80 -18.78
CA TRP C 46 21.00 23.37 -20.01
C TRP C 46 20.17 23.00 -21.20
N GLU C 47 19.77 21.73 -21.16
CA GLU C 47 18.93 21.21 -22.26
C GLU C 47 17.75 22.13 -22.47
N ALA C 48 17.03 22.42 -21.39
CA ALA C 48 15.90 23.30 -21.29
C ALA C 48 16.24 24.75 -21.60
N ALA C 49 17.36 25.22 -21.09
CA ALA C 49 17.87 26.58 -21.40
C ALA C 49 18.07 26.64 -22.91
N ARG C 50 18.70 25.60 -23.50
CA ARG C 50 18.82 25.66 -24.94
C ARG C 50 17.42 25.62 -25.54
N ALA C 51 16.47 24.82 -25.10
CA ALA C 51 15.15 24.87 -25.73
C ALA C 51 14.52 26.24 -25.89
N LEU C 52 14.80 27.18 -25.01
CA LEU C 52 14.26 28.53 -24.99
C LEU C 52 15.33 29.50 -25.44
N ALA C 53 16.44 28.91 -25.82
CA ALA C 53 17.57 29.62 -26.35
C ALA C 53 18.04 30.80 -25.51
N CYS C 54 18.47 30.46 -24.29
CA CYS C 54 19.05 31.53 -23.43
C CYS C 54 20.29 31.90 -24.22
N PRO C 55 20.49 33.17 -24.41
CA PRO C 55 21.61 33.74 -25.14
C PRO C 55 22.87 33.54 -24.30
N PRO C 56 24.00 33.51 -24.95
CA PRO C 56 25.31 33.26 -24.36
C PRO C 56 25.51 34.10 -23.12
N GLY C 57 25.91 33.52 -22.01
CA GLY C 57 26.14 34.18 -20.76
C GLY C 57 24.95 34.72 -20.02
N SER C 58 23.72 34.30 -20.29
CA SER C 58 22.58 34.85 -19.55
C SER C 58 22.25 33.87 -18.41
N LEU C 59 22.99 32.76 -18.41
CA LEU C 59 22.74 31.70 -17.41
C LEU C 59 24.08 31.09 -17.04
N GLU C 60 24.30 30.91 -15.75
CA GLU C 60 25.54 30.34 -15.22
C GLU C 60 25.18 29.43 -14.05
N THR C 61 25.57 28.18 -14.04
CA THR C 61 25.25 27.32 -12.94
C THR C 61 26.34 27.44 -11.89
N LEU C 62 25.89 27.04 -10.69
CA LEU C 62 26.79 27.09 -9.54
C LEU C 62 26.24 26.03 -8.60
N GLN C 63 27.08 25.45 -7.81
CA GLN C 63 26.68 24.48 -6.80
C GLN C 63 26.30 25.16 -5.50
N LEU C 64 25.27 24.74 -4.79
CA LEU C 64 24.91 25.36 -3.54
C LEU C 64 23.99 24.42 -2.81
N ASP C 65 24.60 23.79 -1.79
CA ASP C 65 23.75 22.84 -1.00
C ASP C 65 23.24 23.64 0.15
N VAL C 66 21.95 23.94 0.21
CA VAL C 66 21.44 24.80 1.31
C VAL C 66 21.76 24.22 2.67
N ARG C 67 22.07 22.93 2.77
CA ARG C 67 22.41 22.36 4.03
C ARG C 67 23.83 22.69 4.46
N ASP C 68 24.59 23.43 3.69
CA ASP C 68 25.97 23.68 4.08
C ASP C 68 26.50 25.06 3.84
N SER C 69 26.68 25.81 4.89
CA SER C 69 27.20 27.17 4.94
C SER C 69 28.44 27.44 4.12
N LYS C 70 29.35 26.48 4.04
CA LYS C 70 30.56 26.66 3.24
C LYS C 70 30.13 26.68 1.77
N SER C 71 29.09 25.92 1.43
CA SER C 71 28.58 25.90 0.08
C SER C 71 27.97 27.23 -0.35
N VAL C 72 27.31 27.90 0.60
CA VAL C 72 26.64 29.16 0.31
C VAL C 72 27.56 30.30 0.00
N ALA C 73 28.57 30.42 0.85
CA ALA C 73 29.62 31.45 0.84
C ALA C 73 30.29 31.31 -0.51
N ALA C 74 30.85 30.13 -0.81
CA ALA C 74 31.40 29.95 -2.16
C ALA C 74 30.44 30.38 -3.27
N ALA C 75 29.25 29.81 -3.47
CA ALA C 75 28.44 30.34 -4.60
C ALA C 75 28.36 31.86 -4.43
N ARG C 76 27.99 32.30 -3.20
CA ARG C 76 27.91 33.73 -2.98
C ARG C 76 29.10 34.46 -3.61
N GLU C 77 30.30 33.95 -3.41
CA GLU C 77 31.46 34.58 -4.00
C GLU C 77 31.75 34.25 -5.46
N ARG C 78 30.82 33.62 -6.18
CA ARG C 78 31.06 33.35 -7.61
C ARG C 78 30.28 34.34 -8.41
N VAL C 79 29.58 35.20 -7.69
CA VAL C 79 28.77 36.24 -8.34
C VAL C 79 29.69 37.36 -8.80
N THR C 80 30.25 37.14 -9.99
CA THR C 80 31.19 38.09 -10.59
C THR C 80 30.75 39.52 -10.49
N GLU C 81 29.50 39.89 -10.73
CA GLU C 81 29.01 41.21 -10.62
C GLU C 81 29.08 41.74 -9.20
N GLY C 82 29.43 40.97 -8.20
CA GLY C 82 29.47 41.42 -6.82
C GLY C 82 28.15 41.91 -6.26
N ARG C 83 27.01 41.37 -6.71
CA ARG C 83 25.75 41.76 -6.16
C ARG C 83 24.66 40.86 -6.65
N VAL C 84 23.65 40.68 -5.84
CA VAL C 84 22.53 39.83 -6.30
C VAL C 84 21.30 40.76 -6.25
N ASP C 85 20.64 40.94 -7.38
CA ASP C 85 19.47 41.83 -7.38
C ASP C 85 18.26 41.07 -6.92
N VAL C 86 18.13 39.84 -7.39
CA VAL C 86 17.00 39.01 -6.98
C VAL C 86 17.49 37.71 -6.39
N LEU C 87 17.00 37.35 -5.21
CA LEU C 87 17.40 36.11 -4.52
C LEU C 87 16.18 35.18 -4.41
N VAL C 88 16.27 34.05 -5.16
CA VAL C 88 15.14 33.12 -5.08
C VAL C 88 15.44 31.95 -4.18
N CYS C 89 14.81 31.81 -3.02
CA CYS C 89 15.15 30.60 -2.19
C CYS C 89 14.04 29.62 -2.56
N ASN C 90 14.35 28.60 -3.35
CA ASN C 90 13.28 27.69 -3.84
C ASN C 90 13.52 26.27 -3.39
N ALA C 91 14.79 25.96 -3.04
CA ALA C 91 15.04 24.58 -2.64
C ALA C 91 14.07 24.18 -1.56
N GLY C 92 13.82 22.88 -1.47
CA GLY C 92 12.91 22.30 -0.49
C GLY C 92 12.49 20.86 -0.82
N LEU C 93 12.05 20.18 0.25
CA LEU C 93 11.70 18.78 0.15
C LEU C 93 10.29 18.58 0.68
N GLY C 94 9.74 17.44 0.46
CA GLY C 94 8.43 17.04 1.00
C GLY C 94 8.78 15.87 1.94
N LEU C 95 7.87 15.43 2.78
CA LEU C 95 8.04 14.33 3.74
C LEU C 95 6.57 14.06 4.17
N LEU C 96 6.07 12.98 3.63
CA LEU C 96 4.74 12.44 3.66
C LEU C 96 4.50 11.10 4.33
N GLY C 97 3.82 10.95 5.46
CA GLY C 97 3.53 9.64 6.06
C GLY C 97 2.93 9.77 7.42
N PRO C 98 2.43 8.75 8.06
CA PRO C 98 1.90 8.84 9.42
C PRO C 98 3.02 9.43 10.24
N LEU C 99 2.78 10.43 11.10
CA LEU C 99 3.85 11.01 11.89
C LEU C 99 4.74 10.02 12.59
N GLU C 100 4.23 8.99 13.24
CA GLU C 100 5.02 8.01 13.95
C GLU C 100 5.91 7.12 13.09
N ALA C 101 5.87 7.23 11.78
CA ALA C 101 6.55 6.53 10.76
C ALA C 101 7.78 7.18 10.17
N LEU C 102 7.82 8.50 10.21
CA LEU C 102 8.94 9.28 9.67
C LEU C 102 10.14 9.22 10.58
N GLY C 103 11.27 8.94 9.96
CA GLY C 103 12.53 8.83 10.71
C GLY C 103 13.11 10.12 11.20
N GLU C 104 13.98 10.05 12.21
CA GLU C 104 14.54 11.25 12.77
C GLU C 104 15.38 12.00 11.78
N ASP C 105 16.15 11.33 10.93
CA ASP C 105 16.99 12.08 9.97
C ASP C 105 16.16 12.75 8.90
N ALA C 106 15.06 12.11 8.55
CA ALA C 106 14.12 12.63 7.56
C ALA C 106 13.49 13.89 8.12
N VAL C 107 12.99 13.78 9.34
CA VAL C 107 12.44 14.96 9.98
C VAL C 107 13.53 16.02 10.03
N ALA C 108 14.74 15.65 10.40
CA ALA C 108 15.71 16.75 10.46
C ALA C 108 16.00 17.33 9.10
N SER C 109 16.42 16.54 8.13
CA SER C 109 16.72 16.99 6.79
C SER C 109 15.69 17.96 6.24
N VAL C 110 14.40 17.59 6.17
CA VAL C 110 13.30 18.46 5.78
C VAL C 110 13.39 19.80 6.49
N LEU C 111 13.60 19.93 7.80
CA LEU C 111 13.76 21.19 8.51
C LEU C 111 15.07 21.92 8.22
N ASP C 112 16.17 21.22 8.01
CA ASP C 112 17.44 21.81 7.65
C ASP C 112 17.37 22.46 6.26
N VAL C 113 16.98 21.77 5.21
CA VAL C 113 16.81 22.28 3.87
C VAL C 113 15.73 23.39 3.75
N ASN C 114 14.44 23.10 3.92
CA ASN C 114 13.36 24.05 3.84
C ASN C 114 13.58 25.26 4.75
N VAL C 115 13.64 25.04 6.08
CA VAL C 115 13.84 26.19 6.95
C VAL C 115 15.28 26.67 7.04
N VAL C 116 16.16 25.83 7.62
CA VAL C 116 17.52 26.30 7.84
C VAL C 116 18.22 26.71 6.59
N GLY C 117 17.97 26.06 5.48
CA GLY C 117 18.57 26.36 4.16
C GLY C 117 18.27 27.80 3.82
N THR C 118 17.07 28.27 4.11
CA THR C 118 16.73 29.68 3.84
C THR C 118 17.34 30.61 4.89
N VAL C 119 17.24 30.15 6.18
CA VAL C 119 17.98 30.98 7.15
C VAL C 119 19.42 31.19 6.63
N ARG C 120 20.17 30.20 6.15
CA ARG C 120 21.52 30.38 5.68
C ARG C 120 21.69 31.20 4.40
N MET C 121 20.65 31.20 3.58
CA MET C 121 20.64 31.94 2.30
C MET C 121 20.44 33.40 2.68
N LEU C 122 19.38 33.67 3.43
CA LEU C 122 19.28 35.07 3.85
C LEU C 122 20.53 35.52 4.53
N GLN C 123 21.02 34.90 5.61
CA GLN C 123 22.23 35.37 6.25
C GLN C 123 23.32 35.74 5.27
N ALA C 124 23.58 35.01 4.20
CA ALA C 124 24.68 35.40 3.31
C ALA C 124 24.26 36.48 2.34
N PHE C 125 23.02 36.41 1.80
CA PHE C 125 22.61 37.42 0.82
C PHE C 125 22.10 38.65 1.47
N LEU C 126 21.14 38.79 2.34
CA LEU C 126 20.67 39.98 2.97
C LEU C 126 21.53 41.18 3.32
N PRO C 127 22.60 41.00 4.07
CA PRO C 127 23.49 42.02 4.54
C PRO C 127 23.86 43.00 3.46
N ASP C 128 24.48 42.52 2.39
CA ASP C 128 24.85 43.43 1.30
C ASP C 128 23.63 44.04 0.67
N MET C 129 22.49 43.39 0.58
CA MET C 129 21.30 44.00 -0.02
C MET C 129 20.91 45.23 0.78
N LYS C 130 20.99 45.01 2.08
CA LYS C 130 20.75 46.06 3.08
C LYS C 130 21.84 47.11 2.86
N ARG C 131 23.12 46.78 2.70
CA ARG C 131 24.13 47.82 2.44
C ARG C 131 23.60 48.64 1.26
N ARG C 132 23.35 47.96 0.16
CA ARG C 132 22.89 48.50 -1.09
C ARG C 132 21.62 49.32 -1.00
N GLY C 133 20.69 48.98 -0.12
CA GLY C 133 19.46 49.80 -0.11
C GLY C 133 18.44 49.18 -1.02
N SER C 134 18.86 48.18 -1.81
CA SER C 134 17.96 47.50 -2.74
C SER C 134 18.14 45.99 -2.88
N GLY C 135 16.97 45.33 -3.01
CA GLY C 135 16.96 43.92 -3.25
C GLY C 135 15.56 43.30 -3.21
N ARG C 136 15.37 42.19 -3.92
CA ARG C 136 14.13 41.48 -3.89
C ARG C 136 14.55 40.03 -3.53
N VAL C 137 13.92 39.54 -2.50
CA VAL C 137 14.14 38.15 -2.03
C VAL C 137 12.76 37.53 -2.26
N LEU C 138 12.67 36.46 -3.04
CA LEU C 138 11.35 35.86 -3.32
C LEU C 138 11.51 34.38 -2.85
N VAL C 139 10.57 33.93 -2.05
CA VAL C 139 10.65 32.60 -1.48
C VAL C 139 9.54 31.67 -1.99
N THR C 140 9.83 30.46 -2.46
CA THR C 140 8.78 29.59 -2.92
C THR C 140 7.82 29.31 -1.78
N GLY C 141 6.67 30.03 -1.89
CA GLY C 141 5.67 29.87 -0.83
C GLY C 141 5.12 28.47 -0.94
N SER C 142 4.20 28.10 -0.06
CA SER C 142 3.62 26.78 -0.23
C SER C 142 2.32 26.84 0.58
N VAL C 143 1.28 26.32 0.00
CA VAL C 143 -0.06 26.32 0.59
C VAL C 143 -0.09 25.46 1.82
N GLY C 144 0.70 24.39 1.85
CA GLY C 144 0.77 23.57 3.08
C GLY C 144 1.51 24.39 4.18
N GLY C 145 1.97 25.58 3.88
CA GLY C 145 2.59 26.54 4.72
C GLY C 145 1.57 27.58 5.15
N LEU C 146 0.33 27.38 4.74
CA LEU C 146 -0.73 28.32 5.06
C LEU C 146 -1.82 27.62 5.86
N MET C 147 -1.84 26.30 5.77
CA MET C 147 -2.81 25.50 6.52
C MET C 147 -2.36 24.02 6.62
N GLY C 148 -2.75 23.36 7.69
CA GLY C 148 -2.40 22.00 7.97
C GLY C 148 -2.95 20.98 7.02
N LEU C 149 -2.09 20.04 6.62
CA LEU C 149 -2.47 18.95 5.70
C LEU C 149 -2.07 17.62 6.32
N PRO C 150 -3.02 16.72 6.38
CA PRO C 150 -2.90 15.41 6.99
C PRO C 150 -1.74 14.70 6.34
N PHE C 151 -1.17 13.76 7.06
CA PHE C 151 0.02 13.06 6.63
C PHE C 151 1.05 13.99 6.07
N ASN C 152 1.10 15.29 6.30
CA ASN C 152 2.16 16.13 5.77
C ASN C 152 2.70 17.02 6.90
N ASP C 153 2.43 16.63 8.13
CA ASP C 153 2.81 17.32 9.32
C ASP C 153 4.19 17.91 9.37
N VAL C 154 5.27 17.15 9.19
CA VAL C 154 6.57 17.85 9.24
C VAL C 154 6.68 18.79 8.06
N TYR C 155 6.32 18.37 6.84
CA TYR C 155 6.38 19.25 5.69
C TYR C 155 5.71 20.58 6.08
N CYS C 156 4.45 20.56 6.58
CA CYS C 156 3.85 21.80 7.01
C CYS C 156 4.51 22.44 8.21
N ALA C 157 5.14 21.67 9.11
CA ALA C 157 5.74 22.46 10.23
C ALA C 157 6.83 23.31 9.59
N SER C 158 7.55 22.67 8.61
CA SER C 158 8.66 23.44 8.01
C SER C 158 8.16 24.47 7.02
N LYS C 159 6.95 24.33 6.52
CA LYS C 159 6.45 25.40 5.63
C LYS C 159 5.85 26.51 6.47
N PHE C 160 5.30 26.20 7.68
CA PHE C 160 4.84 27.36 8.46
C PHE C 160 6.13 28.11 8.87
N ALA C 161 7.19 27.38 9.20
CA ALA C 161 8.42 28.07 9.51
C ALA C 161 8.78 29.14 8.49
N LEU C 162 8.84 28.91 7.17
CA LEU C 162 9.23 30.03 6.31
C LEU C 162 8.24 31.16 6.32
N GLU C 163 6.98 30.89 6.67
CA GLU C 163 6.04 32.03 6.74
C GLU C 163 6.45 32.99 7.87
N GLY C 164 6.77 32.44 9.05
CA GLY C 164 7.22 33.16 10.22
C GLY C 164 8.60 33.75 10.00
N LEU C 165 9.53 33.09 9.36
CA LEU C 165 10.86 33.64 9.11
C LEU C 165 10.69 34.86 8.24
N CYS C 166 10.07 34.63 7.08
CA CYS C 166 9.84 35.68 6.12
C CYS C 166 8.99 36.82 6.60
N GLU C 167 7.96 36.56 7.37
CA GLU C 167 7.07 37.59 7.88
C GLU C 167 7.74 38.42 8.95
N SER C 168 8.54 37.77 9.79
CA SER C 168 9.31 38.39 10.85
C SER C 168 10.34 39.32 10.22
N LEU C 169 11.01 38.88 9.16
CA LEU C 169 11.99 39.72 8.48
C LEU C 169 11.29 40.85 7.74
N ALA C 170 10.09 40.56 7.23
CA ALA C 170 9.35 41.59 6.46
C ALA C 170 9.17 42.85 7.27
N VAL C 171 8.69 42.76 8.52
CA VAL C 171 8.50 43.94 9.37
C VAL C 171 9.83 44.69 9.40
N LEU C 172 10.91 43.97 9.70
CA LEU C 172 12.17 44.68 9.75
C LEU C 172 12.53 45.36 8.45
N LEU C 173 12.61 44.67 7.32
CA LEU C 173 13.12 45.29 6.11
C LEU C 173 12.26 46.35 5.52
N LEU C 174 11.04 46.49 6.00
CA LEU C 174 10.11 47.51 5.49
C LEU C 174 10.83 48.75 5.03
N PRO C 175 11.44 49.48 5.96
CA PRO C 175 12.28 50.62 5.67
C PRO C 175 13.61 50.32 5.03
N PHE C 176 14.14 49.15 4.70
CA PHE C 176 15.52 49.16 4.15
C PHE C 176 15.53 49.32 2.65
N GLY C 177 14.37 49.14 1.99
CA GLY C 177 14.35 49.21 0.51
C GLY C 177 14.65 47.80 0.00
N VAL C 178 14.51 46.80 0.88
CA VAL C 178 14.76 45.41 0.54
C VAL C 178 13.39 44.75 0.65
N HIS C 179 12.97 44.03 -0.39
CA HIS C 179 11.69 43.39 -0.60
C HIS C 179 11.64 41.89 -0.63
N LEU C 180 10.82 41.30 0.23
CA LEU C 180 10.72 39.85 0.34
C LEU C 180 9.31 39.39 0.09
N SER C 181 9.07 38.53 -0.90
CA SER C 181 7.69 38.08 -1.11
C SER C 181 7.70 36.56 -1.15
N LEU C 182 6.59 35.92 -0.89
CA LEU C 182 6.44 34.50 -0.92
C LEU C 182 5.51 34.21 -2.11
N ILE C 183 5.85 33.27 -2.96
CA ILE C 183 4.99 32.88 -4.10
C ILE C 183 4.24 31.65 -3.60
N GLU C 184 3.04 31.91 -3.07
CA GLU C 184 2.25 30.82 -2.50
C GLU C 184 1.70 29.86 -3.53
N CYS C 185 2.26 28.66 -3.65
CA CYS C 185 1.84 27.65 -4.59
C CYS C 185 0.91 26.53 -4.19
N GLY C 186 0.04 26.10 -5.13
CA GLY C 186 -0.81 24.91 -4.81
C GLY C 186 -0.03 23.79 -5.50
N PRO C 187 -0.59 22.62 -5.62
CA PRO C 187 0.11 21.54 -6.30
C PRO C 187 0.71 22.02 -7.60
N VAL C 188 1.93 21.66 -7.98
CA VAL C 188 2.59 21.99 -9.23
C VAL C 188 3.23 20.68 -9.75
N HIS C 189 3.14 20.40 -11.02
CA HIS C 189 3.72 19.18 -11.56
C HIS C 189 5.23 19.26 -11.56
N THR C 190 5.92 18.56 -10.62
CA THR C 190 7.35 18.69 -10.56
C THR C 190 8.21 17.54 -10.11
N ALA C 191 7.88 16.31 -9.74
CA ALA C 191 8.89 15.38 -9.20
C ALA C 191 9.05 15.63 -7.68
N PHE C 192 8.55 16.76 -7.21
CA PHE C 192 8.56 17.10 -5.82
C PHE C 192 7.89 15.88 -5.17
N MET C 193 6.70 15.60 -5.67
CA MET C 193 5.92 14.50 -5.15
C MET C 193 6.44 13.12 -5.43
N GLU C 194 6.95 12.85 -6.64
CA GLU C 194 7.50 11.54 -6.95
C GLU C 194 8.47 11.07 -5.88
N LYS C 195 9.18 11.95 -5.19
CA LYS C 195 10.09 11.54 -4.14
C LYS C 195 9.56 11.74 -2.74
N VAL C 196 8.30 12.20 -2.61
CA VAL C 196 7.77 12.44 -1.27
C VAL C 196 7.70 11.19 -0.42
N LEU C 197 7.55 10.03 -1.04
CA LEU C 197 7.51 8.75 -0.38
C LEU C 197 6.71 7.72 -1.20
N GLY C 198 6.83 6.52 -0.68
CA GLY C 198 6.24 5.28 -1.09
C GLY C 198 6.67 4.28 0.01
N SER C 199 6.50 3.01 -0.20
CA SER C 199 6.91 1.98 0.73
C SER C 199 5.80 1.50 1.63
N PRO C 200 4.73 1.02 1.03
CA PRO C 200 3.63 0.43 1.80
C PRO C 200 4.21 -0.64 2.74
N GLU C 201 5.29 -1.31 2.32
CA GLU C 201 6.04 -2.26 3.08
C GLU C 201 6.51 -1.59 4.37
N GLU C 202 7.06 -0.37 4.24
CA GLU C 202 7.50 0.28 5.49
C GLU C 202 6.38 0.89 6.30
N VAL C 203 5.46 1.59 5.65
CA VAL C 203 4.38 2.21 6.41
C VAL C 203 3.52 1.23 7.14
N LEU C 204 3.21 0.14 6.47
CA LEU C 204 2.40 -0.96 7.02
C LEU C 204 2.90 -1.37 8.42
N ASP C 205 4.20 -1.56 8.46
CA ASP C 205 5.09 -1.93 9.51
C ASP C 205 5.24 -0.90 10.62
N ARG C 206 5.25 0.36 10.24
CA ARG C 206 5.43 1.47 11.16
C ARG C 206 4.23 2.13 11.77
N THR C 207 3.00 1.73 11.57
CA THR C 207 1.82 2.38 12.11
C THR C 207 0.61 1.47 12.26
N ASP C 208 -0.52 1.92 12.79
CA ASP C 208 -1.70 1.07 12.93
C ASP C 208 -2.41 0.78 11.62
N ILE C 209 -3.28 -0.22 11.74
CA ILE C 209 -4.08 -0.65 10.59
C ILE C 209 -5.04 0.48 10.26
N HIS C 210 -5.67 1.10 11.23
CA HIS C 210 -6.52 2.24 10.87
C HIS C 210 -5.75 3.44 10.34
N THR C 211 -4.52 3.70 10.80
CA THR C 211 -3.86 4.89 10.23
C THR C 211 -3.51 4.58 8.78
N PHE C 212 -3.03 3.36 8.59
CA PHE C 212 -2.64 2.82 7.31
C PHE C 212 -3.70 3.05 6.26
N HIS C 213 -4.94 2.68 6.57
CA HIS C 213 -6.08 2.88 5.72
C HIS C 213 -6.27 4.34 5.32
N ARG C 214 -6.25 5.27 6.28
CA ARG C 214 -6.45 6.69 6.05
C ARG C 214 -5.33 7.22 5.19
N PHE C 215 -4.14 6.69 5.39
CA PHE C 215 -3.02 7.11 4.56
C PHE C 215 -3.37 6.86 3.10
N TYR C 216 -3.78 5.62 2.81
CA TYR C 216 -4.10 5.32 1.38
C TYR C 216 -5.25 6.12 0.92
N GLN C 217 -6.23 6.25 1.81
CA GLN C 217 -7.39 7.13 1.58
C GLN C 217 -6.92 8.55 1.30
N TYR C 218 -5.91 9.11 2.00
CA TYR C 218 -5.41 10.45 1.70
C TYR C 218 -4.75 10.40 0.31
N LEU C 219 -3.78 9.50 0.19
CA LEU C 219 -3.02 9.26 -1.02
C LEU C 219 -3.88 9.27 -2.25
N ALA C 220 -4.97 8.49 -2.23
CA ALA C 220 -5.82 8.54 -3.44
C ALA C 220 -6.35 9.96 -3.65
N LEU C 221 -6.87 10.58 -2.60
CA LEU C 221 -7.39 11.93 -2.64
C LEU C 221 -6.41 12.96 -3.16
N SER C 222 -5.24 13.09 -2.57
CA SER C 222 -4.27 14.04 -3.10
C SER C 222 -3.80 13.57 -4.46
N LYS C 223 -3.82 12.30 -4.82
CA LYS C 223 -3.35 11.95 -6.18
C LYS C 223 -4.22 12.54 -7.27
N GLN C 224 -5.53 12.57 -7.06
CA GLN C 224 -6.45 13.12 -8.02
C GLN C 224 -6.44 14.63 -8.01
N VAL C 225 -6.27 15.27 -6.86
CA VAL C 225 -6.18 16.74 -6.82
C VAL C 225 -4.90 17.13 -7.60
N PHE C 226 -3.86 16.32 -7.47
CA PHE C 226 -2.66 16.69 -8.20
C PHE C 226 -2.94 16.66 -9.70
N ARG C 227 -3.41 15.50 -10.19
CA ARG C 227 -3.67 15.35 -11.62
C ARG C 227 -4.81 16.25 -12.10
N GLU C 228 -5.82 16.41 -11.24
CA GLU C 228 -6.91 17.27 -11.62
C GLU C 228 -6.68 18.68 -11.17
N ALA C 229 -5.53 19.12 -10.62
CA ALA C 229 -5.43 20.52 -10.17
C ALA C 229 -4.06 21.17 -10.18
N ALA C 230 -3.00 20.38 -10.29
CA ALA C 230 -1.65 20.94 -10.24
C ALA C 230 -1.47 22.00 -11.31
N GLN C 231 -0.51 22.89 -11.08
CA GLN C 231 -0.26 23.95 -12.05
C GLN C 231 1.06 23.63 -12.72
N ASN C 232 1.44 24.37 -13.76
CA ASN C 232 2.71 23.95 -14.35
C ASN C 232 3.83 24.78 -13.79
N PRO C 233 4.99 24.19 -13.79
CA PRO C 233 6.21 24.80 -13.35
C PRO C 233 6.40 26.14 -14.08
N GLU C 234 5.84 26.20 -15.29
CA GLU C 234 5.91 27.38 -16.14
C GLU C 234 4.85 28.37 -15.74
N GLU C 235 3.65 27.95 -15.35
CA GLU C 235 2.61 28.91 -14.89
C GLU C 235 3.16 29.69 -13.68
N VAL C 236 3.52 28.92 -12.67
CA VAL C 236 4.15 29.35 -11.43
C VAL C 236 5.33 30.30 -11.67
N ALA C 237 6.17 30.03 -12.69
CA ALA C 237 7.31 30.93 -12.85
C ALA C 237 6.86 32.30 -13.29
N GLU C 238 5.61 32.38 -13.79
CA GLU C 238 5.16 33.72 -14.20
C GLU C 238 4.73 34.50 -12.98
N VAL C 239 4.48 33.82 -11.84
CA VAL C 239 4.14 34.58 -10.64
C VAL C 239 5.42 35.22 -10.12
N PHE C 240 6.51 34.47 -10.01
CA PHE C 240 7.74 35.11 -9.55
C PHE C 240 7.99 36.34 -10.39
N LEU C 241 7.85 36.32 -11.71
CA LEU C 241 8.11 37.49 -12.53
C LEU C 241 7.18 38.64 -12.19
N THR C 242 5.90 38.35 -12.03
CA THR C 242 4.99 39.44 -11.63
C THR C 242 5.56 40.03 -10.33
N ALA C 243 5.74 39.16 -9.33
CA ALA C 243 6.31 39.58 -8.05
C ALA C 243 7.48 40.52 -8.23
N LEU C 244 8.48 40.18 -9.06
CA LEU C 244 9.64 41.02 -9.26
C LEU C 244 9.36 42.22 -10.14
N ARG C 245 8.24 42.27 -10.86
CA ARG C 245 7.91 43.45 -11.65
C ARG C 245 7.40 44.51 -10.69
N ALA C 246 6.32 44.31 -9.95
CA ALA C 246 5.84 45.35 -9.04
C ALA C 246 6.98 46.16 -8.42
N PRO C 247 6.74 47.45 -8.30
CA PRO C 247 7.65 48.42 -7.69
C PRO C 247 7.46 48.37 -6.17
N LYS C 248 6.25 47.93 -5.77
CA LYS C 248 6.10 47.75 -4.32
C LYS C 248 5.37 46.42 -4.12
N PRO C 249 6.13 45.35 -4.06
CA PRO C 249 5.63 44.01 -3.94
C PRO C 249 5.10 43.72 -2.55
N THR C 250 4.08 42.85 -2.51
CA THR C 250 3.53 42.45 -1.25
C THR C 250 4.31 41.28 -0.62
N LEU C 251 4.00 41.04 0.65
CA LEU C 251 4.60 39.92 1.35
C LEU C 251 4.20 38.61 0.68
N ARG C 252 2.97 38.48 0.20
CA ARG C 252 2.51 37.28 -0.49
C ARG C 252 1.93 37.44 -1.88
N TYR C 253 2.22 36.45 -2.70
CA TYR C 253 1.71 36.36 -4.07
C TYR C 253 1.10 34.98 -4.19
N PHE C 254 -0.17 34.90 -4.54
CA PHE C 254 -0.82 33.57 -4.64
C PHE C 254 -0.80 33.17 -6.09
N THR C 255 -0.29 31.98 -6.46
CA THR C 255 -0.25 31.58 -7.85
C THR C 255 -1.61 31.03 -8.28
N THR C 256 -2.56 30.96 -7.36
CA THR C 256 -3.88 30.46 -7.58
C THR C 256 -4.82 30.82 -6.44
N GLU C 257 -6.08 30.95 -6.82
CA GLU C 257 -7.19 31.30 -5.94
C GLU C 257 -7.89 30.11 -5.31
N ARG C 258 -7.71 28.96 -5.92
CA ARG C 258 -8.31 27.73 -5.51
C ARG C 258 -8.38 27.47 -4.03
N PHE C 259 -7.41 27.80 -3.21
CA PHE C 259 -7.42 27.45 -1.78
C PHE C 259 -7.71 28.67 -0.91
N LEU C 260 -8.07 29.76 -1.60
CA LEU C 260 -8.43 30.99 -0.94
C LEU C 260 -9.74 30.96 -0.21
N PRO C 261 -10.71 30.21 -0.70
CA PRO C 261 -11.98 30.00 -0.02
C PRO C 261 -11.68 29.21 1.27
N LEU C 262 -10.82 28.20 1.13
CA LEU C 262 -10.43 27.36 2.27
C LEU C 262 -9.52 28.15 3.23
N LEU C 263 -8.80 29.07 2.63
CA LEU C 263 -7.96 29.99 3.37
C LEU C 263 -8.93 30.90 4.13
N ARG C 264 -9.79 31.64 3.44
CA ARG C 264 -10.72 32.59 4.04
C ARG C 264 -11.45 31.98 5.23
N MET C 265 -12.00 30.81 4.95
CA MET C 265 -12.77 30.03 5.92
C MET C 265 -11.98 29.75 7.18
N ARG C 266 -10.70 29.46 7.06
CA ARG C 266 -9.80 29.19 8.17
C ARG C 266 -9.37 30.44 8.91
N LEU C 267 -9.15 31.52 8.16
CA LEU C 267 -8.70 32.75 8.80
C LEU C 267 -9.79 33.44 9.59
N ASP C 268 -11.07 33.25 9.24
CA ASP C 268 -12.18 33.85 9.99
C ASP C 268 -12.66 32.94 11.12
N ASP C 269 -11.76 32.10 11.63
CA ASP C 269 -12.06 31.14 12.68
C ASP C 269 -10.83 30.92 13.56
N PRO C 270 -10.90 31.60 14.70
CA PRO C 270 -9.94 31.61 15.77
C PRO C 270 -9.52 30.23 16.22
N SER C 271 -10.33 29.60 17.07
CA SER C 271 -10.12 28.28 17.61
C SER C 271 -9.76 27.19 16.67
N GLY C 272 -9.66 27.40 15.40
CA GLY C 272 -9.31 26.55 14.33
C GLY C 272 -10.11 25.30 14.13
N SER C 273 -11.16 25.02 14.89
CA SER C 273 -11.88 23.77 14.70
C SER C 273 -12.65 23.74 13.38
N ASN C 274 -13.30 24.83 13.03
CA ASN C 274 -14.02 24.85 11.76
C ASN C 274 -13.10 24.36 10.66
N TYR C 275 -11.99 25.02 10.38
CA TYR C 275 -11.10 24.52 9.35
C TYR C 275 -10.88 23.01 9.42
N VAL C 276 -10.48 22.58 10.61
CA VAL C 276 -10.16 21.19 10.89
C VAL C 276 -11.25 20.22 10.47
N THR C 277 -12.49 20.54 10.79
CA THR C 277 -13.60 19.71 10.41
C THR C 277 -13.86 19.77 8.91
N ALA C 278 -13.72 20.95 8.33
CA ALA C 278 -13.91 21.09 6.88
C ALA C 278 -12.90 20.17 6.15
N MET C 279 -11.63 20.48 6.49
CA MET C 279 -10.50 19.76 5.95
C MET C 279 -10.59 18.28 6.24
N HIS C 280 -11.01 17.85 7.42
CA HIS C 280 -11.11 16.43 7.64
C HIS C 280 -12.10 15.87 6.60
N ARG C 281 -13.25 16.52 6.51
CA ARG C 281 -14.30 16.13 5.56
C ARG C 281 -13.79 16.04 4.13
N GLU C 282 -13.21 17.12 3.63
CA GLU C 282 -12.71 17.16 2.28
C GLU C 282 -11.58 16.25 1.90
N VAL C 283 -11.12 15.33 2.71
CA VAL C 283 -10.03 14.42 2.39
C VAL C 283 -10.52 13.01 2.78
N PHE C 284 -11.10 12.95 3.98
CA PHE C 284 -11.61 11.74 4.57
C PHE C 284 -13.11 11.62 4.41
N GLY C 285 -13.60 12.17 3.31
CA GLY C 285 -14.99 12.18 2.92
C GLY C 285 -15.95 12.13 4.10
N ALA D 1 -3.51 8.56 41.16
CA ALA D 1 -4.94 8.50 40.76
C ALA D 1 -5.23 8.20 39.31
N ARG D 2 -6.35 8.70 38.74
CA ARG D 2 -6.81 8.41 37.41
C ARG D 2 -6.29 9.11 36.17
N THR D 3 -6.57 10.35 35.83
CA THR D 3 -6.10 10.95 34.60
C THR D 3 -4.59 11.09 34.58
N VAL D 4 -3.88 10.16 33.95
CA VAL D 4 -2.42 10.25 33.97
C VAL D 4 -1.91 11.37 33.09
N VAL D 5 -1.28 12.39 33.63
CA VAL D 5 -0.76 13.49 32.83
C VAL D 5 0.74 13.50 32.70
N LEU D 6 1.25 13.96 31.55
CA LEU D 6 2.70 14.00 31.36
C LEU D 6 3.09 15.26 30.58
N ILE D 7 3.76 16.18 31.28
CA ILE D 7 4.17 17.49 30.86
C ILE D 7 5.69 17.62 30.69
N THR D 8 6.19 18.34 29.67
CA THR D 8 7.63 18.47 29.53
C THR D 8 8.11 19.82 30.05
N GLY D 9 9.42 20.03 30.24
CA GLY D 9 9.82 21.34 30.76
C GLY D 9 9.15 21.79 32.03
N CYS D 10 9.06 21.01 33.11
CA CYS D 10 8.48 21.47 34.34
C CYS D 10 9.39 22.09 35.38
N SER D 11 10.68 22.29 35.16
CA SER D 11 11.55 22.90 36.16
C SER D 11 11.07 24.26 36.60
N SER D 12 10.49 25.04 35.68
CA SER D 12 9.99 26.36 36.07
C SER D 12 8.77 26.78 35.28
N GLY D 13 8.47 28.05 35.19
CA GLY D 13 7.41 28.72 34.54
C GLY D 13 6.10 27.96 34.46
N ILE D 14 5.57 27.80 33.27
CA ILE D 14 4.31 27.11 33.03
C ILE D 14 4.44 25.63 33.38
N GLY D 15 5.60 24.99 33.06
CA GLY D 15 5.64 23.54 33.41
C GLY D 15 5.30 23.37 34.90
N LEU D 16 6.16 23.99 35.74
CA LEU D 16 6.04 23.96 37.18
C LEU D 16 4.61 24.27 37.61
N HIS D 17 4.07 25.45 37.33
CA HIS D 17 2.70 25.80 37.67
C HIS D 17 1.57 24.90 37.25
N LEU D 18 1.64 24.27 36.08
CA LEU D 18 0.61 23.38 35.54
C LEU D 18 0.71 22.03 36.21
N ALA D 19 1.97 21.66 36.57
CA ALA D 19 2.06 20.33 37.24
C ALA D 19 1.35 20.43 38.58
N VAL D 20 1.90 21.31 39.40
CA VAL D 20 1.31 21.44 40.75
C VAL D 20 -0.15 21.74 40.64
N ARG D 21 -0.59 22.69 39.82
CA ARG D 21 -2.04 22.94 39.76
C ARG D 21 -2.83 21.71 39.36
N LEU D 22 -2.28 20.80 38.54
CA LEU D 22 -3.06 19.62 38.19
C LEU D 22 -3.06 18.66 39.38
N ALA D 23 -1.88 18.46 40.01
CA ALA D 23 -1.71 17.55 41.11
C ALA D 23 -2.49 17.92 42.33
N SER D 24 -2.59 19.20 42.65
CA SER D 24 -3.35 19.69 43.80
C SER D 24 -4.79 19.97 43.47
N ASP D 25 -5.24 19.68 42.25
CA ASP D 25 -6.63 19.96 41.95
C ASP D 25 -7.53 19.32 43.00
N PRO D 26 -8.48 20.05 43.52
CA PRO D 26 -9.44 19.60 44.50
C PRO D 26 -10.15 18.30 44.14
N SER D 27 -10.13 17.82 42.90
CA SER D 27 -10.85 16.60 42.53
C SER D 27 -9.97 15.39 42.75
N GLN D 28 -8.65 15.65 42.77
CA GLN D 28 -7.70 14.55 42.98
C GLN D 28 -7.67 13.53 41.88
N SER D 29 -8.10 13.82 40.65
CA SER D 29 -8.11 12.76 39.62
C SER D 29 -6.91 12.78 38.71
N PHE D 30 -5.96 13.67 39.01
CA PHE D 30 -4.76 13.76 38.17
C PHE D 30 -3.56 13.09 38.79
N LYS D 31 -2.88 12.29 38.00
CA LYS D 31 -1.64 11.64 38.47
C LYS D 31 -0.67 12.41 37.55
N VAL D 32 0.31 13.08 38.09
CA VAL D 32 1.16 13.92 37.27
C VAL D 32 2.62 13.56 37.18
N TYR D 33 3.20 13.40 36.01
CA TYR D 33 4.62 13.06 35.88
C TYR D 33 5.38 14.29 35.39
N ALA D 34 5.76 15.18 36.29
CA ALA D 34 6.45 16.39 35.89
C ALA D 34 7.81 15.96 35.38
N THR D 35 8.04 16.07 34.12
CA THR D 35 9.26 15.74 33.38
C THR D 35 10.15 16.96 33.35
N LEU D 36 11.47 16.86 33.35
CA LEU D 36 12.39 17.99 33.39
C LEU D 36 13.70 17.64 32.67
N ARG D 37 14.33 18.63 32.02
CA ARG D 37 15.57 18.32 31.31
C ARG D 37 16.63 17.66 32.14
N ASP D 38 16.75 18.10 33.39
CA ASP D 38 17.71 17.69 34.39
C ASP D 38 17.05 17.78 35.76
N LEU D 39 16.93 16.72 36.51
CA LEU D 39 16.24 16.74 37.78
C LEU D 39 16.93 17.51 38.87
N LYS D 40 18.16 17.94 38.72
CA LYS D 40 18.83 18.70 39.76
C LYS D 40 18.24 20.07 40.02
N THR D 41 17.32 20.48 39.15
CA THR D 41 16.62 21.74 39.20
C THR D 41 15.20 21.50 39.66
N GLN D 42 14.91 20.26 40.09
CA GLN D 42 13.53 20.00 40.52
C GLN D 42 13.17 20.68 41.81
N GLY D 43 14.03 21.45 42.45
CA GLY D 43 13.80 22.14 43.67
C GLY D 43 12.47 22.82 43.89
N ARG D 44 12.29 23.94 43.22
CA ARG D 44 11.03 24.67 43.39
C ARG D 44 9.80 23.87 43.07
N LEU D 45 9.77 23.09 41.99
CA LEU D 45 8.60 22.28 41.64
C LEU D 45 8.12 21.57 42.90
N TRP D 46 9.05 20.84 43.53
CA TRP D 46 8.70 20.02 44.70
C TRP D 46 8.28 20.93 45.82
N GLU D 47 9.09 22.00 46.00
CA GLU D 47 8.73 22.95 47.04
C GLU D 47 7.34 23.53 46.88
N ALA D 48 6.91 23.81 45.66
CA ALA D 48 5.58 24.31 45.35
C ALA D 48 4.57 23.18 45.59
N ALA D 49 4.85 21.96 45.07
CA ALA D 49 3.87 20.88 45.34
C ALA D 49 3.76 20.70 46.85
N ARG D 50 4.93 20.57 47.49
CA ARG D 50 4.96 20.40 48.96
C ARG D 50 4.06 21.46 49.59
N ALA D 51 4.33 22.72 49.23
CA ALA D 51 3.52 23.84 49.69
C ALA D 51 2.04 23.68 49.40
N LEU D 52 1.68 23.14 48.24
CA LEU D 52 0.28 23.00 47.89
C LEU D 52 -0.44 21.82 48.48
N ALA D 53 0.23 20.86 49.11
CA ALA D 53 -0.56 19.73 49.64
C ALA D 53 -1.29 18.99 48.50
N CYS D 54 -0.47 18.25 47.78
CA CYS D 54 -0.92 17.40 46.69
C CYS D 54 -0.95 15.99 47.31
N PRO D 55 -1.95 15.21 47.01
CA PRO D 55 -2.11 13.86 47.52
C PRO D 55 -0.83 13.11 47.26
N PRO D 56 -0.49 12.19 48.13
CA PRO D 56 0.79 11.46 48.04
C PRO D 56 0.89 10.57 46.83
N GLY D 57 1.94 10.85 46.02
CA GLY D 57 2.11 10.02 44.80
C GLY D 57 1.32 10.66 43.65
N SER D 58 0.79 11.89 43.90
CA SER D 58 0.05 12.58 42.84
C SER D 58 1.10 13.30 41.97
N LEU D 59 2.33 13.39 42.42
CA LEU D 59 3.36 13.99 41.62
C LEU D 59 4.52 12.99 41.62
N GLU D 60 5.16 12.86 40.51
CA GLU D 60 6.29 11.94 40.36
C GLU D 60 7.15 12.71 39.34
N THR D 61 8.43 12.81 39.46
CA THR D 61 9.13 13.57 38.45
C THR D 61 9.98 12.65 37.63
N LEU D 62 10.15 12.87 36.35
CA LEU D 62 10.99 12.01 35.53
C LEU D 62 12.03 12.84 34.81
N GLN D 63 13.14 12.27 34.39
CA GLN D 63 14.07 13.07 33.58
C GLN D 63 13.64 12.82 32.15
N LEU D 64 13.51 13.88 31.37
CA LEU D 64 13.08 13.84 29.97
C LEU D 64 13.70 15.07 29.28
N ASP D 65 14.56 14.78 28.32
CA ASP D 65 15.17 15.84 27.55
C ASP D 65 14.59 15.74 26.15
N VAL D 66 13.65 16.59 25.79
CA VAL D 66 12.97 16.61 24.51
C VAL D 66 13.85 16.59 23.30
N ARG D 67 15.18 16.81 23.37
CA ARG D 67 15.99 16.68 22.16
C ARG D 67 16.66 15.31 22.10
N ASP D 68 16.35 14.41 23.00
CA ASP D 68 16.86 13.06 22.99
C ASP D 68 15.71 12.05 23.00
N SER D 69 15.61 11.32 21.91
CA SER D 69 14.58 10.31 21.69
C SER D 69 14.71 9.15 22.64
N LYS D 70 15.94 8.83 23.06
CA LYS D 70 16.10 7.76 24.05
C LYS D 70 15.51 8.26 25.37
N SER D 71 15.86 9.51 25.70
CA SER D 71 15.36 10.09 26.93
C SER D 71 13.84 10.02 26.98
N VAL D 72 13.22 10.43 25.86
CA VAL D 72 11.77 10.34 25.81
C VAL D 72 11.30 8.91 26.00
N ALA D 73 11.93 7.95 25.33
CA ALA D 73 11.52 6.54 25.44
C ALA D 73 11.57 6.05 26.89
N ALA D 74 12.75 6.18 27.50
CA ALA D 74 12.94 5.79 28.88
C ALA D 74 11.87 6.39 29.76
N ALA D 75 11.74 7.72 29.84
CA ALA D 75 10.72 8.36 30.64
C ALA D 75 9.37 7.71 30.40
N ARG D 76 9.04 7.46 29.16
CA ARG D 76 7.78 6.80 28.79
C ARG D 76 7.62 5.43 29.44
N GLU D 77 8.73 4.67 29.50
CA GLU D 77 8.70 3.39 30.19
C GLU D 77 8.58 3.58 31.69
N ARG D 78 8.94 4.74 32.22
CA ARG D 78 8.76 4.88 33.67
C ARG D 78 7.35 5.27 34.01
N VAL D 79 6.39 5.34 33.09
CA VAL D 79 5.01 5.67 33.40
C VAL D 79 4.23 4.43 33.77
N THR D 80 4.24 4.04 35.03
CA THR D 80 3.59 2.83 35.51
C THR D 80 2.22 2.52 35.03
N GLU D 81 1.29 3.45 34.90
CA GLU D 81 -0.05 3.09 34.47
C GLU D 81 -0.11 2.53 33.06
N GLY D 82 0.96 2.62 32.28
CA GLY D 82 0.92 2.16 30.89
C GLY D 82 0.03 3.02 30.01
N ARG D 83 -0.42 4.18 30.47
CA ARG D 83 -1.24 5.07 29.68
C ARG D 83 -0.94 6.52 30.02
N VAL D 84 -1.04 7.41 29.06
CA VAL D 84 -0.93 8.84 29.19
C VAL D 84 -2.29 9.37 28.70
N ASP D 85 -2.93 10.14 29.56
CA ASP D 85 -4.28 10.59 29.19
C ASP D 85 -4.21 11.98 28.63
N VAL D 86 -3.24 12.73 29.15
CA VAL D 86 -3.03 14.12 28.79
C VAL D 86 -1.54 14.29 28.53
N LEU D 87 -1.13 14.45 27.31
CA LEU D 87 0.30 14.60 27.00
C LEU D 87 0.46 16.11 26.85
N VAL D 88 1.30 16.73 27.65
CA VAL D 88 1.44 18.18 27.53
C VAL D 88 2.82 18.51 26.96
N CYS D 89 2.83 19.11 25.78
CA CYS D 89 4.06 19.53 25.12
C CYS D 89 4.30 21.03 25.36
N ASN D 90 5.05 21.21 26.46
CA ASN D 90 5.41 22.45 27.03
C ASN D 90 6.82 22.90 26.93
N ALA D 91 7.86 22.13 26.69
CA ALA D 91 9.21 22.74 26.64
C ALA D 91 9.48 23.62 25.46
N GLY D 92 10.23 24.69 25.58
CA GLY D 92 10.57 25.60 24.52
C GLY D 92 11.56 26.69 24.96
N LEU D 93 12.30 27.18 23.94
CA LEU D 93 13.29 28.22 24.13
C LEU D 93 12.93 29.39 23.20
N GLY D 94 13.40 30.55 23.63
CA GLY D 94 13.23 31.75 22.75
C GLY D 94 14.60 31.93 22.08
N LEU D 95 14.79 32.79 21.15
CA LEU D 95 16.05 33.12 20.48
C LEU D 95 15.78 34.56 20.01
N LEU D 96 16.75 35.45 20.01
CA LEU D 96 16.40 36.88 19.67
C LEU D 96 17.58 37.61 19.06
N GLY D 97 17.45 38.27 17.91
CA GLY D 97 18.63 38.89 17.32
C GLY D 97 18.42 39.14 15.83
N PRO D 98 19.30 39.95 15.29
CA PRO D 98 19.26 40.31 13.89
C PRO D 98 19.51 38.97 13.20
N LEU D 99 18.73 38.61 12.19
CA LEU D 99 18.98 37.31 11.58
C LEU D 99 20.42 37.05 11.26
N GLU D 100 21.22 37.96 10.75
CA GLU D 100 22.61 37.65 10.39
C GLU D 100 23.56 37.49 11.57
N ALA D 101 23.11 37.73 12.78
CA ALA D 101 23.87 37.62 13.99
C ALA D 101 23.67 36.27 14.67
N LEU D 102 22.64 35.51 14.35
CA LEU D 102 22.38 34.19 14.94
C LEU D 102 23.29 33.10 14.41
N GLY D 103 23.78 32.22 15.25
CA GLY D 103 24.64 31.13 14.86
C GLY D 103 23.97 29.82 14.55
N GLU D 104 24.66 29.01 13.73
CA GLU D 104 24.10 27.73 13.36
C GLU D 104 23.62 26.86 14.50
N ASP D 105 24.31 26.79 15.63
CA ASP D 105 23.94 25.95 16.77
C ASP D 105 22.69 26.43 17.48
N ALA D 106 22.69 27.74 17.73
CA ALA D 106 21.55 28.41 18.36
C ALA D 106 20.29 28.16 17.52
N VAL D 107 20.46 28.39 16.21
CA VAL D 107 19.36 28.15 15.32
C VAL D 107 18.90 26.71 15.43
N ALA D 108 19.84 25.77 15.24
CA ALA D 108 19.52 24.34 15.33
C ALA D 108 18.88 23.98 16.66
N SER D 109 19.45 24.48 17.74
CA SER D 109 18.90 24.27 19.07
C SER D 109 17.44 24.69 19.19
N VAL D 110 17.10 25.93 18.78
CA VAL D 110 15.73 26.37 18.91
C VAL D 110 14.82 25.40 18.17
N LEU D 111 15.08 25.13 16.88
CA LEU D 111 14.21 24.21 16.13
C LEU D 111 14.18 22.82 16.73
N ASP D 112 15.33 22.25 17.05
CA ASP D 112 15.33 20.94 17.70
C ASP D 112 14.37 20.84 18.89
N VAL D 113 14.39 21.84 19.75
CA VAL D 113 13.59 21.83 20.95
C VAL D 113 12.14 22.18 20.81
N ASN D 114 11.89 23.21 19.99
CA ASN D 114 10.52 23.67 19.82
C ASN D 114 9.76 22.79 18.85
N VAL D 115 10.36 22.51 17.69
CA VAL D 115 9.65 21.66 16.72
C VAL D 115 9.96 20.17 16.87
N VAL D 116 11.25 19.84 16.59
CA VAL D 116 11.61 18.44 16.67
C VAL D 116 11.23 17.82 17.99
N GLY D 117 11.55 18.43 19.13
CA GLY D 117 11.11 17.85 20.39
C GLY D 117 9.61 17.59 20.46
N THR D 118 8.71 18.31 19.81
CA THR D 118 7.28 17.96 20.00
C THR D 118 7.01 16.76 19.08
N VAL D 119 7.79 16.70 17.98
CA VAL D 119 7.63 15.55 17.09
C VAL D 119 7.91 14.34 17.97
N ARG D 120 9.10 14.18 18.49
CA ARG D 120 9.50 13.06 19.31
C ARG D 120 8.52 12.66 20.40
N MET D 121 8.02 13.66 21.12
CA MET D 121 7.08 13.37 22.21
C MET D 121 5.88 12.72 21.54
N LEU D 122 5.39 13.37 20.48
CA LEU D 122 4.23 12.85 19.74
C LEU D 122 4.42 11.48 19.15
N GLN D 123 5.55 11.20 18.51
CA GLN D 123 5.78 9.85 17.97
C GLN D 123 5.77 8.84 19.12
N ALA D 124 6.40 9.01 20.26
CA ALA D 124 6.43 8.11 21.38
C ALA D 124 5.08 7.87 22.05
N PHE D 125 4.32 8.95 22.28
CA PHE D 125 3.06 8.83 22.95
C PHE D 125 1.85 8.89 22.07
N LEU D 126 1.87 9.07 20.78
CA LEU D 126 0.61 9.12 20.03
C LEU D 126 0.02 7.76 19.74
N PRO D 127 0.79 6.86 19.20
CA PRO D 127 0.45 5.48 18.90
C PRO D 127 -0.47 4.84 19.93
N ASP D 128 -0.02 4.65 21.17
CA ASP D 128 -0.90 4.11 22.20
C ASP D 128 -2.18 4.91 22.33
N MET D 129 -2.25 6.22 22.22
CA MET D 129 -3.50 6.99 22.32
C MET D 129 -4.46 6.60 21.20
N LYS D 130 -3.92 6.50 19.99
CA LYS D 130 -4.68 6.04 18.83
C LYS D 130 -5.14 4.61 19.17
N ARG D 131 -4.19 3.82 19.66
CA ARG D 131 -4.47 2.46 20.08
C ARG D 131 -5.69 2.37 20.99
N ARG D 132 -5.78 3.18 22.06
CA ARG D 132 -6.92 3.04 22.95
C ARG D 132 -8.03 4.01 22.69
N GLY D 133 -7.92 4.76 21.61
CA GLY D 133 -8.94 5.72 21.21
C GLY D 133 -9.25 6.75 22.26
N SER D 134 -8.25 7.21 23.00
CA SER D 134 -8.48 8.24 24.02
C SER D 134 -7.16 8.96 24.26
N GLY D 135 -7.27 10.29 24.38
CA GLY D 135 -6.02 11.03 24.59
C GLY D 135 -6.26 12.51 24.44
N ARG D 136 -5.45 13.30 25.14
CA ARG D 136 -5.59 14.76 25.04
C ARG D 136 -4.13 15.22 24.93
N VAL D 137 -3.77 15.87 23.88
CA VAL D 137 -2.43 16.36 23.66
C VAL D 137 -2.72 17.90 23.71
N LEU D 138 -2.19 18.52 24.70
CA LEU D 138 -2.23 19.93 24.94
C LEU D 138 -0.80 20.42 24.70
N VAL D 139 -0.61 21.35 23.80
CA VAL D 139 0.71 21.88 23.43
C VAL D 139 0.72 23.34 23.87
N THR D 140 1.76 23.92 24.38
CA THR D 140 1.73 25.29 24.84
C THR D 140 1.88 26.21 23.67
N GLY D 141 0.85 26.97 23.30
CA GLY D 141 0.98 27.86 22.14
C GLY D 141 1.72 29.13 22.42
N SER D 142 2.02 29.96 21.44
CA SER D 142 2.77 31.24 21.74
C SER D 142 2.32 32.27 20.72
N VAL D 143 2.16 33.53 20.97
CA VAL D 143 1.73 34.54 19.97
C VAL D 143 2.68 34.71 18.80
N GLY D 144 3.97 34.46 19.05
CA GLY D 144 5.03 34.54 18.05
C GLY D 144 4.95 33.36 17.09
N GLY D 145 3.91 32.59 17.12
CA GLY D 145 3.68 31.45 16.26
C GLY D 145 2.42 31.68 15.42
N LEU D 146 1.75 32.78 15.72
CA LEU D 146 0.57 33.30 15.09
C LEU D 146 0.95 34.54 14.29
N MET D 147 2.08 35.24 14.56
CA MET D 147 2.47 36.37 13.72
C MET D 147 3.92 36.73 13.76
N GLY D 148 4.55 37.23 12.70
CA GLY D 148 5.96 37.50 12.73
C GLY D 148 6.34 38.70 13.58
N LEU D 149 7.48 38.68 14.30
CA LEU D 149 7.92 39.79 15.15
C LEU D 149 9.40 40.05 14.85
N PRO D 150 9.77 41.28 14.64
CA PRO D 150 11.11 41.69 14.27
C PRO D 150 12.09 41.07 15.25
N PHE D 151 13.31 40.81 14.80
CA PHE D 151 14.35 40.19 15.54
C PHE D 151 14.07 38.87 16.20
N ASN D 152 12.96 38.21 15.99
CA ASN D 152 12.65 36.90 16.50
C ASN D 152 12.36 35.90 15.36
N ASP D 153 12.97 36.13 14.20
CA ASP D 153 12.78 35.40 12.98
C ASP D 153 12.80 33.88 13.11
N VAL D 154 13.88 33.35 13.69
CA VAL D 154 14.01 31.90 13.89
C VAL D 154 13.07 31.42 14.98
N TYR D 155 12.93 32.23 16.06
CA TYR D 155 11.99 31.85 17.11
C TYR D 155 10.59 31.71 16.55
N CYS D 156 10.13 32.63 15.70
CA CYS D 156 8.75 32.45 15.17
C CYS D 156 8.80 31.36 14.11
N ALA D 157 9.92 31.23 13.38
CA ALA D 157 10.05 30.16 12.40
C ALA D 157 9.65 28.83 13.06
N SER D 158 10.27 28.61 14.23
CA SER D 158 10.10 27.44 15.06
C SER D 158 8.76 27.38 15.75
N LYS D 159 8.11 28.47 16.06
CA LYS D 159 6.80 28.58 16.69
C LYS D 159 5.68 28.48 15.66
N PHE D 160 5.81 28.96 14.41
CA PHE D 160 4.78 28.78 13.38
C PHE D 160 4.78 27.27 13.08
N ALA D 161 5.96 26.67 12.83
CA ALA D 161 6.15 25.25 12.65
C ALA D 161 5.26 24.47 13.61
N LEU D 162 5.28 24.66 14.93
CA LEU D 162 4.39 23.91 15.83
C LEU D 162 2.92 24.11 15.53
N GLU D 163 2.54 25.25 14.96
CA GLU D 163 1.11 25.43 14.66
C GLU D 163 0.79 24.47 13.52
N GLY D 164 1.68 24.46 12.54
CA GLY D 164 1.49 23.62 11.36
C GLY D 164 1.46 22.15 11.71
N LEU D 165 2.34 21.72 12.62
CA LEU D 165 2.38 20.30 13.05
C LEU D 165 1.10 19.91 13.76
N CYS D 166 0.64 20.85 14.59
CA CYS D 166 -0.59 20.62 15.32
C CYS D 166 -1.69 20.61 14.30
N GLU D 167 -1.89 21.62 13.49
CA GLU D 167 -2.96 21.63 12.50
C GLU D 167 -3.04 20.37 11.69
N SER D 168 -1.93 19.97 11.08
CA SER D 168 -1.94 18.73 10.28
C SER D 168 -2.43 17.57 11.12
N LEU D 169 -1.89 17.41 12.31
CA LEU D 169 -2.28 16.35 13.19
C LEU D 169 -3.74 16.36 13.60
N ALA D 170 -4.34 17.53 13.82
CA ALA D 170 -5.75 17.51 14.25
C ALA D 170 -6.66 17.09 13.12
N VAL D 171 -6.27 17.42 11.88
CA VAL D 171 -7.14 17.03 10.74
C VAL D 171 -7.25 15.52 10.78
N LEU D 172 -6.11 14.85 11.03
CA LEU D 172 -6.16 13.43 11.08
C LEU D 172 -6.80 12.87 12.33
N LEU D 173 -6.33 13.19 13.52
CA LEU D 173 -6.70 12.67 14.81
C LEU D 173 -8.16 12.56 15.16
N LEU D 174 -8.83 13.62 14.76
CA LEU D 174 -10.26 13.78 14.96
C LEU D 174 -10.96 12.48 15.28
N PRO D 175 -11.15 11.64 14.29
CA PRO D 175 -11.80 10.37 14.41
C PRO D 175 -11.05 9.30 15.17
N PHE D 176 -9.92 9.60 15.80
CA PHE D 176 -9.27 8.51 16.55
C PHE D 176 -9.66 8.64 18.02
N GLY D 177 -10.40 9.68 18.37
CA GLY D 177 -10.81 9.91 19.75
C GLY D 177 -9.81 10.80 20.49
N VAL D 178 -8.63 10.98 19.96
CA VAL D 178 -7.53 11.75 20.48
C VAL D 178 -7.71 13.22 20.16
N HIS D 179 -7.53 14.14 21.11
CA HIS D 179 -7.66 15.58 20.81
C HIS D 179 -6.42 16.43 21.01
N LEU D 180 -6.05 17.27 20.06
CA LEU D 180 -4.90 18.14 20.20
C LEU D 180 -5.22 19.62 20.17
N SER D 181 -4.87 20.33 21.22
CA SER D 181 -5.13 21.73 21.43
C SER D 181 -3.85 22.47 21.85
N LEU D 182 -3.70 23.68 21.37
CA LEU D 182 -2.62 24.59 21.64
C LEU D 182 -3.22 25.66 22.57
N ILE D 183 -2.57 26.00 23.66
CA ILE D 183 -3.01 27.07 24.59
C ILE D 183 -2.10 28.26 24.20
N GLU D 184 -2.64 29.24 23.48
CA GLU D 184 -1.90 30.33 22.92
C GLU D 184 -1.66 31.46 23.91
N CYS D 185 -0.40 31.63 24.26
CA CYS D 185 0.00 32.66 25.19
C CYS D 185 0.67 33.91 24.61
N GLY D 186 0.67 34.98 25.40
CA GLY D 186 1.47 36.18 24.99
C GLY D 186 2.56 36.21 26.06
N PRO D 187 3.18 37.30 26.35
CA PRO D 187 4.11 37.37 27.46
C PRO D 187 3.47 36.77 28.71
N VAL D 188 4.29 35.96 29.38
CA VAL D 188 4.05 35.22 30.59
C VAL D 188 5.33 35.41 31.43
N HIS D 189 5.19 35.67 32.70
CA HIS D 189 6.28 35.87 33.65
C HIS D 189 6.72 34.51 34.18
N THR D 190 7.73 33.96 33.52
CA THR D 190 8.38 32.68 33.70
C THR D 190 9.89 32.95 33.61
N ALA D 191 10.79 32.00 33.43
CA ALA D 191 12.22 32.30 33.34
C ALA D 191 12.64 32.58 31.89
N PHE D 192 11.73 32.31 30.99
CA PHE D 192 11.88 32.37 29.57
C PHE D 192 12.71 33.49 29.00
N MET D 193 12.30 34.71 29.34
CA MET D 193 13.03 35.84 28.74
C MET D 193 14.35 36.10 29.38
N GLU D 194 14.56 35.65 30.62
CA GLU D 194 15.84 35.77 31.31
C GLU D 194 16.87 35.16 30.31
N LYS D 195 16.54 33.98 29.82
CA LYS D 195 17.29 33.19 28.91
C LYS D 195 17.55 33.70 27.52
N VAL D 196 16.62 34.38 26.90
CA VAL D 196 16.61 34.93 25.56
C VAL D 196 17.77 35.85 25.19
N LEU D 197 18.50 35.37 24.20
CA LEU D 197 19.69 35.99 23.68
C LEU D 197 19.53 37.29 22.97
N GLU D 202 28.25 39.73 19.75
CA GLU D 202 27.87 38.96 18.57
C GLU D 202 27.08 39.83 17.60
N VAL D 203 26.06 40.54 18.07
CA VAL D 203 25.29 41.40 17.17
C VAL D 203 26.24 42.42 16.54
N LEU D 204 26.99 43.08 17.40
CA LEU D 204 27.88 44.13 16.99
C LEU D 204 28.71 43.83 15.76
N ASP D 205 29.56 42.83 15.71
CA ASP D 205 30.40 42.64 14.52
C ASP D 205 29.73 42.11 13.27
N ARG D 206 28.56 41.51 13.44
CA ARG D 206 27.77 40.80 12.45
C ARG D 206 26.64 41.48 11.70
N THR D 207 26.11 42.56 12.27
CA THR D 207 24.97 43.25 11.66
C THR D 207 25.36 44.68 11.31
N ASP D 208 24.70 45.30 10.34
CA ASP D 208 25.07 46.66 9.96
C ASP D 208 24.48 47.64 10.98
N ILE D 209 25.03 48.83 10.99
CA ILE D 209 24.64 49.92 11.86
C ILE D 209 23.17 50.16 11.98
N HIS D 210 22.35 50.10 10.94
CA HIS D 210 20.92 50.36 11.10
C HIS D 210 20.18 49.21 11.75
N THR D 211 20.58 47.99 11.38
CA THR D 211 19.88 46.85 12.03
C THR D 211 20.23 46.97 13.51
N PHE D 212 21.50 47.25 13.80
CA PHE D 212 21.91 47.45 15.17
C PHE D 212 21.01 48.37 15.98
N HIS D 213 20.90 49.66 15.59
CA HIS D 213 20.02 50.58 16.29
C HIS D 213 18.60 50.08 16.39
N ARG D 214 18.04 49.45 15.37
CA ARG D 214 16.61 49.04 15.49
C ARG D 214 16.50 47.94 16.51
N PHE D 215 17.55 47.11 16.48
CA PHE D 215 17.66 46.01 17.40
C PHE D 215 17.48 46.55 18.83
N TYR D 216 18.44 47.45 19.14
CA TYR D 216 18.35 48.04 20.49
C TYR D 216 17.02 48.73 20.64
N GLN D 217 16.53 49.39 19.59
CA GLN D 217 15.24 50.06 19.66
C GLN D 217 14.19 49.03 20.05
N TYR D 218 14.17 47.91 19.33
CA TYR D 218 13.23 46.83 19.63
C TYR D 218 13.35 46.32 21.07
N LEU D 219 14.57 45.87 21.38
CA LEU D 219 14.94 45.34 22.67
C LEU D 219 14.33 46.11 23.82
N ALA D 220 14.66 47.37 23.97
CA ALA D 220 14.12 48.22 25.03
C ALA D 220 12.61 48.24 25.05
N LEU D 221 11.95 48.40 23.90
CA LEU D 221 10.48 48.43 23.94
C LEU D 221 9.94 47.06 24.30
N SER D 222 10.65 45.99 23.90
CA SER D 222 10.12 44.64 24.22
C SER D 222 10.05 44.51 25.73
N LYS D 223 11.19 44.67 26.39
CA LYS D 223 11.23 44.65 27.82
C LYS D 223 10.14 45.49 28.45
N GLN D 224 9.88 46.77 28.14
CA GLN D 224 8.80 47.43 28.89
C GLN D 224 7.44 46.82 28.59
N VAL D 225 7.19 46.48 27.33
CA VAL D 225 5.90 45.89 27.03
C VAL D 225 5.73 44.56 27.72
N PHE D 226 6.82 43.79 27.82
CA PHE D 226 6.62 42.47 28.50
C PHE D 226 6.08 42.81 29.88
N ARG D 227 6.91 43.56 30.60
CA ARG D 227 6.64 44.06 31.95
C ARG D 227 5.17 44.43 32.01
N GLU D 228 4.70 45.25 31.10
CA GLU D 228 3.32 45.68 31.12
C GLU D 228 2.29 44.62 30.76
N ALA D 229 2.57 43.71 29.82
CA ALA D 229 1.56 42.73 29.42
C ALA D 229 1.73 41.35 30.03
N ALA D 230 2.95 41.01 30.42
CA ALA D 230 3.32 39.72 30.94
C ALA D 230 2.29 39.20 31.93
N GLN D 231 1.72 38.04 31.64
CA GLN D 231 0.73 37.32 32.41
C GLN D 231 1.38 36.38 33.42
N ASN D 232 0.70 35.91 34.45
CA ASN D 232 1.29 35.06 35.47
C ASN D 232 1.23 33.62 35.00
N PRO D 233 2.22 32.83 35.32
CA PRO D 233 2.30 31.44 34.91
C PRO D 233 1.12 30.66 35.42
N GLU D 234 0.46 31.10 36.48
CA GLU D 234 -0.69 30.46 37.07
C GLU D 234 -2.01 30.73 36.36
N GLU D 235 -2.04 31.73 35.49
CA GLU D 235 -3.21 32.18 34.73
C GLU D 235 -3.41 31.28 33.50
N VAL D 236 -2.21 30.94 33.02
CA VAL D 236 -2.03 30.07 31.87
C VAL D 236 -2.41 28.65 32.25
N ALA D 237 -2.01 28.14 33.40
CA ALA D 237 -2.43 26.77 33.74
C ALA D 237 -3.92 26.60 33.75
N GLU D 238 -4.68 27.57 34.25
CA GLU D 238 -6.12 27.38 34.34
C GLU D 238 -6.67 27.18 32.95
N VAL D 239 -6.07 27.85 31.97
CA VAL D 239 -6.52 27.70 30.57
C VAL D 239 -6.30 26.25 30.19
N PHE D 240 -5.10 25.73 30.45
CA PHE D 240 -4.89 24.32 30.17
C PHE D 240 -6.02 23.52 30.80
N LEU D 241 -6.42 23.92 31.99
CA LEU D 241 -7.50 23.27 32.71
C LEU D 241 -8.83 23.35 31.99
N THR D 242 -9.12 24.53 31.41
CA THR D 242 -10.34 24.63 30.62
C THR D 242 -10.26 23.72 29.38
N ALA D 243 -9.10 23.73 28.71
CA ALA D 243 -9.00 22.93 27.49
C ALA D 243 -9.33 21.49 27.71
N LEU D 244 -8.66 20.94 28.74
CA LEU D 244 -8.83 19.51 29.05
C LEU D 244 -10.13 19.29 29.79
N ARG D 245 -10.76 20.41 30.16
CA ARG D 245 -12.08 20.19 30.80
C ARG D 245 -13.07 20.01 29.65
N ALA D 246 -12.86 20.72 28.54
CA ALA D 246 -13.82 20.65 27.44
C ALA D 246 -14.08 19.25 26.94
N PRO D 247 -15.33 18.82 26.96
CA PRO D 247 -15.81 17.54 26.44
C PRO D 247 -15.39 17.32 24.99
N LYS D 248 -15.34 18.42 24.24
CA LYS D 248 -14.87 18.44 22.86
C LYS D 248 -14.09 19.75 22.63
N PRO D 249 -12.81 19.67 22.95
CA PRO D 249 -11.87 20.74 22.90
C PRO D 249 -11.54 21.31 21.53
N THR D 250 -11.49 22.64 21.38
CA THR D 250 -11.17 23.28 20.09
C THR D 250 -9.69 23.12 19.76
N LEU D 251 -9.21 23.65 18.63
CA LEU D 251 -7.78 23.49 18.31
C LEU D 251 -6.93 24.56 18.99
N ARG D 252 -7.59 25.65 19.36
CA ARG D 252 -6.89 26.78 19.96
C ARG D 252 -7.65 27.42 21.09
N TYR D 253 -6.90 27.77 22.12
CA TYR D 253 -7.43 28.41 23.33
C TYR D 253 -6.52 29.62 23.57
N PHE D 254 -7.03 30.81 23.85
CA PHE D 254 -6.14 31.97 24.02
C PHE D 254 -6.12 32.31 25.50
N THR D 255 -4.98 32.74 26.04
CA THR D 255 -4.91 33.03 27.46
C THR D 255 -5.27 34.48 27.84
N THR D 256 -5.46 35.25 26.79
CA THR D 256 -5.82 36.64 26.85
C THR D 256 -6.45 37.00 25.52
N GLU D 257 -7.26 38.03 25.46
CA GLU D 257 -7.84 38.38 24.14
C GLU D 257 -7.04 39.49 23.51
N ARG D 258 -6.09 40.01 24.27
CA ARG D 258 -5.18 41.05 23.86
C ARG D 258 -4.62 40.98 22.48
N PHE D 259 -4.20 39.87 21.83
CA PHE D 259 -3.62 40.08 20.49
C PHE D 259 -4.58 39.68 19.41
N LEU D 260 -5.80 39.32 19.83
CA LEU D 260 -6.87 38.95 18.92
C LEU D 260 -7.08 39.91 17.78
N PRO D 261 -7.19 41.19 18.04
CA PRO D 261 -7.35 42.27 17.08
C PRO D 261 -6.20 42.32 16.07
N LEU D 262 -4.97 42.35 16.62
CA LEU D 262 -3.82 42.37 15.71
C LEU D 262 -3.91 41.15 14.79
N LEU D 263 -4.28 40.04 15.40
CA LEU D 263 -4.45 38.78 14.70
C LEU D 263 -5.51 38.95 13.62
N ARG D 264 -6.63 39.57 14.01
CA ARG D 264 -7.74 39.79 13.05
C ARG D 264 -7.21 40.38 11.76
N MET D 265 -6.47 41.45 11.91
CA MET D 265 -5.85 42.16 10.81
C MET D 265 -5.03 41.29 9.88
N ARG D 266 -4.26 40.40 10.52
CA ARG D 266 -3.36 39.49 9.84
C ARG D 266 -4.14 38.56 8.91
N LEU D 267 -5.25 38.06 9.45
CA LEU D 267 -6.14 37.16 8.74
C LEU D 267 -6.92 37.90 7.67
N ASP D 268 -7.30 39.14 7.95
CA ASP D 268 -8.06 39.94 7.00
C ASP D 268 -7.30 40.34 5.75
N ASP D 269 -5.98 40.44 5.70
CA ASP D 269 -5.32 40.79 4.43
C ASP D 269 -4.20 39.80 4.17
N PRO D 270 -4.50 38.80 3.33
CA PRO D 270 -3.68 37.68 2.95
C PRO D 270 -2.39 38.08 2.26
N SER D 271 -2.42 39.22 1.56
CA SER D 271 -1.17 39.64 0.93
C SER D 271 -0.18 40.07 2.03
N GLY D 272 -0.65 40.27 3.24
CA GLY D 272 0.06 40.63 4.39
C GLY D 272 0.73 41.96 4.46
N SER D 273 0.48 42.93 3.63
CA SER D 273 1.19 44.21 3.72
C SER D 273 0.72 45.03 4.90
N ASN D 274 -0.59 44.94 5.13
CA ASN D 274 -1.21 45.67 6.22
C ASN D 274 -0.48 45.27 7.52
N TYR D 275 -0.46 43.94 7.71
CA TYR D 275 0.15 43.42 8.92
C TYR D 275 1.53 44.00 9.02
N VAL D 276 2.33 43.72 8.01
CA VAL D 276 3.70 44.28 8.05
C VAL D 276 3.77 45.70 8.51
N THR D 277 2.96 46.59 7.95
CA THR D 277 2.94 48.01 8.32
C THR D 277 2.47 48.21 9.74
N ALA D 278 1.32 47.66 10.06
CA ALA D 278 0.80 47.75 11.42
C ALA D 278 1.87 47.43 12.44
N MET D 279 2.51 46.26 12.35
CA MET D 279 3.54 45.88 13.30
C MET D 279 4.84 46.64 13.17
N HIS D 280 5.19 47.20 12.03
CA HIS D 280 6.47 47.92 11.97
C HIS D 280 6.34 49.05 13.02
N ARG D 281 5.24 49.73 12.82
CA ARG D 281 4.71 50.85 13.58
C ARG D 281 4.61 50.51 15.05
N GLU D 282 3.95 49.39 15.36
CA GLU D 282 3.91 49.07 16.78
C GLU D 282 5.32 49.09 17.39
N VAL D 283 6.22 48.39 16.73
CA VAL D 283 7.57 48.20 17.20
C VAL D 283 8.43 49.42 17.12
N PHE D 284 8.39 50.23 16.07
CA PHE D 284 9.27 51.38 15.98
C PHE D 284 8.56 52.73 15.86
N GLY D 285 7.29 52.85 16.14
CA GLY D 285 6.55 54.10 16.01
C GLY D 285 6.49 54.61 14.58
S SO4 E . 18.16 -18.89 -12.00
O1 SO4 E . 16.99 -19.22 -11.10
O2 SO4 E . 19.37 -19.50 -11.37
O3 SO4 E . 18.12 -17.36 -12.09
O4 SO4 E . 18.05 -19.40 -13.39
C1 EST F . 3.66 -20.16 1.35
C2 EST F . 3.11 -19.61 2.53
C3 EST F . 2.90 -18.25 2.58
O3 EST F . 2.34 -17.74 3.73
C4 EST F . 3.26 -17.44 1.49
C5 EST F . 3.81 -18.02 0.34
C6 EST F . 4.19 -17.15 -0.82
C7 EST F . 4.18 -17.78 -2.21
C8 EST F . 4.13 -19.30 -2.30
C9 EST F . 4.62 -20.00 -1.02
C10 EST F . 4.03 -19.41 0.24
C11 EST F . 4.44 -21.53 -1.13
C12 EST F . 5.12 -22.09 -2.43
C13 EST F . 4.44 -21.44 -3.66
C14 EST F . 4.67 -19.94 -3.55
C15 EST F . 4.45 -19.34 -4.93
C16 EST F . 4.83 -20.49 -5.92
C17 EST F . 4.93 -21.76 -5.06
O17 EST F . 4.20 -22.79 -5.74
C18 EST F . 2.99 -21.99 -3.65
PA NAP G . 11.32 -19.35 -13.73
O1A NAP G . 10.46 -18.17 -14.10
O2A NAP G . 12.75 -19.26 -13.74
O5B NAP G . 10.91 -20.60 -14.70
C5B NAP G . 10.09 -20.24 -15.86
C4B NAP G . 10.62 -20.79 -17.16
O4B NAP G . 9.53 -21.31 -17.95
C3B NAP G . 11.20 -19.69 -18.06
O3B NAP G . 12.18 -20.25 -18.98
C2B NAP G . 9.95 -19.19 -18.75
O2B NAP G . 10.23 -18.56 -20.00
C1B NAP G . 9.26 -20.56 -19.08
N9A NAP G . 7.96 -20.30 -19.69
C8A NAP G . 7.05 -19.37 -19.32
N7A NAP G . 6.05 -19.35 -20.20
C5A NAP G . 6.30 -20.23 -21.13
C6A NAP G . 5.65 -20.65 -22.31
N6A NAP G . 4.46 -20.14 -22.66
N1A NAP G . 6.19 -21.60 -23.11
C2A NAP G . 7.37 -22.14 -22.77
N3A NAP G . 8.01 -21.75 -21.66
C4A NAP G . 7.51 -20.83 -20.84
O3 NAP G . 10.78 -19.82 -12.31
PN NAP G . 10.68 -21.34 -11.80
O1N NAP G . 10.38 -21.30 -10.37
O2N NAP G . 11.79 -22.08 -12.45
O5D NAP G . 9.38 -21.90 -12.62
C5D NAP G . 9.38 -23.30 -13.01
C4D NAP G . 8.16 -24.07 -12.63
O4D NAP G . 8.16 -24.58 -11.29
C3D NAP G . 6.78 -23.41 -12.71
O3D NAP G . 5.85 -24.49 -12.91
C2D NAP G . 6.59 -22.89 -11.29
O2D NAP G . 5.18 -22.81 -10.99
C1D NAP G . 7.16 -24.06 -10.49
N1N NAP G . 7.31 -23.71 -9.09
C2N NAP G . 8.23 -22.73 -8.69
C3N NAP G . 8.32 -22.30 -7.36
C7N NAP G . 9.22 -21.13 -6.98
O7N NAP G . 9.18 -20.65 -5.86
N7N NAP G . 9.95 -20.48 -7.90
C4N NAP G . 7.56 -22.98 -6.41
C5N NAP G . 6.75 -24.06 -6.75
C6N NAP G . 6.58 -24.39 -8.08
P2B NAP G . 10.70 -17.24 -20.08
O1X NAP G . 9.76 -16.45 -19.36
O2X NAP G . 12.00 -17.05 -19.45
O3X NAP G . 10.97 -16.89 -21.46
S SO4 H . -33.65 -31.25 -15.03
O1 SO4 H . -33.99 -32.09 -16.24
O2 SO4 H . -34.57 -30.05 -14.94
O3 SO4 H . -32.27 -30.73 -15.30
O4 SO4 H . -33.78 -32.07 -13.79
C1 EST I . -17.02 -42.08 -8.98
C2 EST I . -16.39 -43.34 -8.99
C3 EST I . -16.50 -44.15 -10.10
O3 EST I . -15.92 -45.41 -10.18
C4 EST I . -17.24 -43.74 -11.24
C5 EST I . -17.86 -42.48 -11.21
C6 EST I . -18.64 -42.09 -12.44
C7 EST I . -19.46 -40.82 -12.33
C8 EST I . -18.82 -39.70 -11.49
C9 EST I . -18.46 -40.27 -10.08
C10 EST I . -17.77 -41.62 -10.08
C11 EST I . -17.73 -39.26 -9.20
C12 EST I . -17.45 -37.88 -9.76
C13 EST I . -18.20 -37.31 -10.94
C14 EST I . -19.35 -38.28 -11.33
C15 EST I . -20.16 -37.48 -12.30
C16 EST I . -19.91 -35.97 -11.96
C17 EST I . -18.99 -36.02 -10.71
O17 EST I . -18.31 -34.79 -10.49
C18 EST I . -17.28 -37.04 -12.16
PA NAP J . -26.87 -29.04 -16.66
O1A NAP J . -26.29 -29.28 -17.96
O2A NAP J . -28.17 -29.63 -16.21
O5B NAP J . -27.06 -27.47 -16.31
C5B NAP J . -25.96 -26.52 -16.30
C4B NAP J . -26.41 -25.12 -16.68
O4B NAP J . -25.20 -24.44 -17.01
C3B NAP J . -27.34 -24.99 -17.91
O3B NAP J . -28.33 -23.98 -17.64
C2B NAP J . -26.43 -24.45 -19.01
O2B NAP J . -27.16 -23.68 -19.95
C1B NAP J . -25.45 -23.63 -18.17
N9A NAP J . -24.29 -23.09 -18.89
C8A NAP J . -23.43 -23.72 -19.71
N7A NAP J . -22.57 -22.87 -20.25
C5A NAP J . -22.90 -21.67 -19.76
C6A NAP J . -22.38 -20.38 -19.94
N6A NAP J . -21.35 -20.22 -20.73
N1A NAP J . -22.93 -19.36 -19.27
C2A NAP J . -23.99 -19.52 -18.46
N3A NAP J . -24.49 -20.73 -18.29
C4A NAP J . -23.98 -21.79 -18.91
O3 NAP J . -25.85 -29.39 -15.44
PN NAP J . -26.13 -29.53 -13.85
O1N NAP J . -25.62 -30.80 -13.35
O2N NAP J . -27.55 -29.14 -13.62
O5D NAP J . -25.30 -28.31 -13.19
C5D NAP J . -23.94 -28.23 -13.59
C4D NAP J . -23.19 -27.58 -12.43
O4D NAP J . -23.05 -28.60 -11.38
C3D NAP J . -21.69 -27.44 -12.90
O3D NAP J . -21.07 -26.87 -11.75
C2D NAP J . -21.42 -28.95 -12.96
O2D NAP J . -20.07 -29.14 -13.20
C1D NAP J . -21.80 -29.28 -11.53
N1N NAP J . -21.87 -30.70 -11.14
C2N NAP J . -22.84 -31.55 -11.68
C3N NAP J . -22.92 -32.90 -11.36
C7N NAP J . -23.95 -33.83 -12.03
O7N NAP J . -24.00 -35.02 -11.75
N7N NAP J . -24.78 -33.33 -12.94
C4N NAP J . -22.04 -33.39 -10.42
C5N NAP J . -21.08 -32.57 -9.80
C6N NAP J . -21.02 -31.24 -10.19
P2B NAP J . -27.29 -24.23 -21.29
O1X NAP J . -28.04 -25.43 -21.19
O2X NAP J . -28.00 -23.26 -22.08
O3X NAP J . -26.06 -24.46 -21.98
S SO4 K . 10.45 19.11 -14.42
O1 SO4 K . 9.87 19.67 -15.67
O2 SO4 K . 11.86 19.54 -14.19
O3 SO4 K . 10.40 17.61 -14.32
O4 SO4 K . 9.59 19.60 -13.28
C1 EST L . -4.71 20.66 -1.10
C2 EST L . -5.98 20.25 -0.69
C3 EST L . -6.17 18.91 -0.43
O3 EST L . -7.42 18.48 -0.02
C4 EST L . -5.12 17.99 -0.56
C5 EST L . -3.86 18.43 -0.99
C6 EST L . -2.74 17.42 -1.15
C7 EST L . -1.46 17.92 -1.84
C8 EST L . -1.09 19.35 -1.37
C9 EST L . -2.26 20.28 -1.73
C10 EST L . -3.62 19.79 -1.26
C11 EST L . -2.04 21.76 -1.46
C12 EST L . -0.66 22.23 -2.02
C13 EST L . 0.46 21.41 -1.38
C14 EST L . 0.27 19.91 -1.72
C15 EST L . 1.59 19.26 -1.32
C16 EST L . 2.67 20.37 -1.53
C17 EST L . 1.89 21.66 -1.84
O17 EST L . 2.51 22.80 -1.20
C18 EST L . 0.49 21.72 0.14
PA NAP M . 11.64 19.48 -7.26
O1A NAP M . 11.90 18.42 -6.27
O2A NAP M . 11.86 19.21 -8.65
O5B NAP M . 12.62 20.72 -6.84
C5B NAP M . 13.46 20.52 -5.66
C4B NAP M . 14.80 21.18 -6.04
O4B NAP M . 15.41 21.54 -4.78
C3B NAP M . 15.76 20.19 -6.68
O3B NAP M . 16.74 20.84 -7.49
C2B NAP M . 16.48 19.62 -5.43
O2B NAP M . 17.72 19.08 -5.82
C1B NAP M . 16.74 21.06 -4.76
N9A NAP M . 17.30 20.72 -3.44
C8A NAP M . 16.89 19.62 -2.74
N7A NAP M . 17.66 19.48 -1.68
C5A NAP M . 18.57 20.45 -1.74
C6A NAP M . 19.65 20.79 -0.91
N6A NAP M . 19.89 20.04 0.17
N1A NAP M . 20.42 21.83 -1.23
C2A NAP M . 20.19 22.56 -2.34
N3A NAP M . 19.14 22.26 -3.14
C4A NAP M . 18.34 21.25 -2.85
O3 NAP M . 10.26 20.20 -6.95
PN NAP M . 9.63 21.68 -6.83
O1N NAP M . 8.14 21.59 -6.81
O2N NAP M . 10.31 22.56 -7.83
O5D NAP M . 10.12 22.24 -5.40
C5D NAP M . 10.52 23.64 -5.42
C4D NAP M . 9.89 24.38 -4.25
O4D NAP M . 8.50 24.56 -4.52
C3D NAP M . 10.00 23.71 -2.89
O3D NAP M . 10.50 24.55 -1.86
C2D NAP M . 8.59 23.24 -2.59
O2D NAP M . 8.40 23.30 -1.18
C1D NAP M . 7.77 24.33 -3.29
N1N NAP M . 6.37 23.95 -3.55
C2N NAP M . 6.11 22.95 -4.51
C3N NAP M . 4.82 22.46 -4.73
C7N NAP M . 4.58 21.27 -5.64
O7N NAP M . 3.49 20.70 -5.72
N7N NAP M . 5.61 20.72 -6.28
C4N NAP M . 3.80 23.13 -4.06
C5N NAP M . 4.02 24.24 -3.22
C6N NAP M . 5.32 24.65 -2.93
P2B NAP M . 17.91 17.68 -5.98
O1X NAP M . 17.22 17.11 -4.90
O2X NAP M . 17.39 17.21 -7.23
O3X NAP M . 19.28 17.37 -6.10
S SO4 N . 8.71 30.79 37.68
O1 SO4 N . 8.09 30.05 38.83
O2 SO4 N . 9.20 29.79 36.68
O3 SO4 N . 9.90 31.62 38.03
O4 SO4 N . 7.59 31.64 37.12
C1 EST O . 3.68 41.26 20.43
C2 EST O . 3.56 42.56 19.93
C3 EST O . 4.43 43.52 20.38
O3 EST O . 4.39 44.84 19.95
C4 EST O . 5.44 43.22 21.34
C5 EST O . 5.53 41.90 21.85
C6 EST O . 6.59 41.58 22.86
C7 EST O . 6.80 40.15 23.28
C8 EST O . 6.19 39.04 22.41
C9 EST O . 4.76 39.48 21.96
C10 EST O . 4.64 40.88 21.39
C11 EST O . 4.10 38.46 21.03
C12 EST O . 4.17 37.02 21.59
C13 EST O . 5.57 36.57 21.96
C14 EST O . 6.25 37.61 22.88
C15 EST O . 7.44 36.85 23.43
C16 EST O . 6.99 35.35 23.47
C17 EST O . 5.54 35.36 22.95
O17 EST O . 5.05 34.17 22.38
C18 EST O . 6.39 36.05 20.78
PA NAP P . 10.81 28.75 31.21
O1A NAP P . 12.15 28.86 30.67
O2A NAP P . 10.35 29.24 32.54
O5B NAP P . 10.26 27.23 31.12
C5B NAP P . 10.77 26.30 30.12
C4B NAP P . 10.92 24.91 30.73
O4B NAP P . 11.24 24.05 29.62
C3B NAP P . 12.10 24.75 31.72
O3B NAP P . 11.82 23.68 32.66
C2B NAP P . 13.27 24.35 30.82
O2B NAP P . 14.20 23.53 31.52
C1B NAP P . 12.55 23.53 29.77
N9A NAP P . 13.37 22.97 28.70
C8A NAP P . 14.22 23.61 27.90
N7A NAP P . 14.82 22.79 27.06
C5A NAP P . 14.37 21.59 27.34
C6A NAP P . 14.63 20.31 26.84
N6A NAP P . 15.51 20.16 25.85
N1A NAP P . 13.98 19.26 27.35
C2A NAP P . 13.10 19.39 28.35
N3A NAP P . 12.83 20.58 28.85
C4A NAP P . 13.44 21.68 28.36
O3 NAP P . 9.73 29.46 30.21
PN NAP P . 8.13 29.24 30.01
O1N NAP P . 7.37 30.45 29.71
O2N NAP P . 7.72 28.38 31.15
O5D NAP P . 8.15 28.36 28.64
C5D NAP P . 7.32 27.19 28.50
C4D NAP P . 6.73 27.22 27.12
O4D NAP P . 5.81 28.32 26.89
C3D NAP P . 7.72 27.32 25.94
O3D NAP P . 7.00 26.60 24.90
C2D NAP P . 7.67 28.81 25.61
O2D NAP P . 8.10 28.97 24.27
C1D NAP P . 6.15 29.01 25.69
N1N NAP P . 5.70 30.42 25.71
C2N NAP P . 6.23 31.30 26.65
C3N NAP P . 5.89 32.65 26.70
C7N NAP P . 6.53 33.52 27.78
O7N NAP P . 6.32 34.71 27.97
N7N NAP P . 7.33 32.84 28.60
C4N NAP P . 4.99 33.12 25.77
C5N NAP P . 4.40 32.24 24.84
C6N NAP P . 4.77 30.90 24.81
P2B NAP P . 15.47 24.14 31.83
O1X NAP P . 15.21 25.21 32.70
O2X NAP P . 16.27 23.17 32.54
O3X NAP P . 16.19 24.42 30.65
#